data_2Q5R
#
_entry.id   2Q5R
#
_cell.length_a   76.952
_cell.length_b   96.940
_cell.length_c   94.485
_cell.angle_alpha   90.00
_cell.angle_beta   94.42
_cell.angle_gamma   90.00
#
_symmetry.space_group_name_H-M   'P 1 21 1'
#
loop_
_entity.id
_entity.type
_entity.pdbx_description
1 polymer 'Tagatose-6-phosphate kinase'
2 water water
#
_entity_poly.entity_id   1
_entity_poly.type   'polypeptide(L)'
_entity_poly.pdbx_seq_one_letter_code
;(MSE)GSSHHHHHHSSGLVPRGSH(MSE)ILTLTLNPSVDISYPLTALKLDDVNRVQEVSKTAGGKGLNVTRVLAQVGEP
VLASGFIGGELGQFIAKKLDHADIKHAFYNIKGETRNCIAILHEGQQTEILEQGPEIDNQEAAGFIKHFEQLLEKVEAVA
ISGSLPKGLNQDYYAQIIERCQNKGVPVILDCSGATLQTVLENPYKPTVIKPNISELYQLLNQPLDESLESLKQAVSQPL
FEGIEWIIVSLGAQGAFAKHNHTFYRVNIPTISVLNPVGSGDSTVAGITSAILNHENDHDLLKKANTLG(MSE)LNAQEA
QTGYVNLNNYDDLFNQIEVLEV
;
_entity_poly.pdbx_strand_id   A,B,C,D
#
# COMPACT_ATOMS: atom_id res chain seq x y z
N GLY A 13 -30.34 17.57 3.21
CA GLY A 13 -29.48 18.58 3.90
C GLY A 13 -28.15 18.74 3.21
N LEU A 14 -27.77 19.99 2.91
CA LEU A 14 -26.53 20.26 2.19
C LEU A 14 -25.32 20.20 3.10
N VAL A 15 -24.19 19.75 2.53
CA VAL A 15 -22.89 19.77 3.20
C VAL A 15 -22.39 21.21 3.33
N PRO A 16 -22.14 21.67 4.56
CA PRO A 16 -21.75 23.05 4.83
C PRO A 16 -20.43 23.49 4.18
N ARG A 17 -20.41 24.73 3.72
CA ARG A 17 -19.25 25.33 3.06
C ARG A 17 -18.50 26.39 3.88
N GLY A 18 -19.00 26.70 5.07
CA GLY A 18 -18.37 27.75 5.86
C GLY A 18 -17.34 27.28 6.87
N SER A 19 -17.24 28.02 7.97
CA SER A 19 -16.26 27.73 9.00
C SER A 19 -16.81 27.13 10.30
N HIS A 20 -18.09 26.71 10.30
CA HIS A 20 -18.73 26.28 11.55
C HIS A 20 -18.37 24.85 11.93
N ILE A 22 -15.30 22.34 14.53
CA ILE A 22 -14.22 22.21 15.51
C ILE A 22 -13.03 21.50 14.85
N LEU A 23 -11.83 21.97 15.17
CA LEU A 23 -10.62 21.27 14.80
C LEU A 23 -10.02 20.70 16.07
N THR A 24 -9.76 19.41 16.07
CA THR A 24 -9.04 18.81 17.17
C THR A 24 -7.60 18.52 16.75
N LEU A 25 -6.68 18.69 17.69
CA LEU A 25 -5.27 18.42 17.41
C LEU A 25 -4.81 17.28 18.28
N THR A 26 -4.30 16.23 17.63
CA THR A 26 -3.68 15.10 18.31
C THR A 26 -2.29 14.93 17.72
N LEU A 27 -1.30 15.62 18.29
CA LEU A 27 0.02 15.59 17.68
C LEU A 27 0.82 14.30 17.89
N ASN A 28 0.41 13.46 18.85
CA ASN A 28 1.07 12.14 19.06
C ASN A 28 0.01 11.07 19.24
N PRO A 29 -0.71 10.73 18.16
CA PRO A 29 -1.66 9.64 18.28
C PRO A 29 -0.93 8.31 18.45
N SER A 30 -1.68 7.29 18.80
CA SER A 30 -1.12 5.95 18.89
C SER A 30 -2.14 4.95 18.40
N VAL A 31 -1.65 3.78 17.98
CA VAL A 31 -2.49 2.61 17.85
C VAL A 31 -2.46 1.91 19.22
N ASP A 32 -3.56 2.06 19.96
CA ASP A 32 -3.70 1.46 21.28
C ASP A 32 -4.11 0.00 21.17
N ILE A 33 -3.32 -0.86 21.80
CA ILE A 33 -3.63 -2.27 21.84
C ILE A 33 -4.09 -2.63 23.25
N SER A 34 -5.27 -3.23 23.34
CA SER A 34 -5.80 -3.64 24.65
C SER A 34 -5.81 -5.15 24.79
N TYR A 35 -5.17 -5.62 25.84
CA TYR A 35 -5.11 -7.03 26.12
C TYR A 35 -5.83 -7.36 27.44
N PRO A 36 -7.10 -7.80 27.36
CA PRO A 36 -7.78 -8.38 28.54
C PRO A 36 -7.25 -9.77 28.85
N LEU A 37 -6.73 -9.93 30.06
CA LEU A 37 -6.14 -11.18 30.47
CA LEU A 37 -6.14 -11.18 30.47
C LEU A 37 -6.75 -11.66 31.80
N THR A 38 -6.94 -12.96 31.91
CA THR A 38 -7.45 -13.50 33.16
C THR A 38 -6.31 -13.47 34.18
N ALA A 39 -5.10 -13.78 33.71
CA ALA A 39 -3.87 -13.54 34.48
C ALA A 39 -2.69 -13.17 33.57
N LEU A 40 -1.87 -12.22 34.03
CA LEU A 40 -0.58 -11.99 33.41
C LEU A 40 0.50 -12.88 34.05
N LYS A 41 0.83 -13.97 33.37
CA LYS A 41 1.96 -14.82 33.70
C LYS A 41 3.25 -14.15 33.26
N LEU A 42 4.04 -13.68 34.24
CA LEU A 42 5.32 -13.04 33.95
C LEU A 42 6.35 -14.12 33.63
N ASP A 43 7.23 -13.84 32.67
CA ASP A 43 8.31 -14.76 32.27
C ASP A 43 7.79 -16.01 31.54
N ASP A 44 6.65 -15.86 30.87
CA ASP A 44 5.95 -16.96 30.20
C ASP A 44 5.13 -16.45 29.02
N VAL A 45 4.47 -17.37 28.32
CA VAL A 45 3.59 -17.02 27.21
C VAL A 45 2.17 -16.80 27.68
N ASN A 46 1.63 -15.64 27.33
CA ASN A 46 0.25 -15.30 27.61
C ASN A 46 -0.50 -15.26 26.29
N ARG A 47 -1.30 -16.30 26.04
CA ARG A 47 -2.08 -16.37 24.81
C ARG A 47 -3.42 -15.65 24.94
N VAL A 48 -3.76 -14.87 23.92
CA VAL A 48 -4.93 -14.01 23.94
C VAL A 48 -5.68 -14.13 22.61
N GLN A 49 -7.01 -14.03 22.67
CA GLN A 49 -7.84 -14.15 21.48
C GLN A 49 -8.49 -12.81 21.20
N GLU A 50 -9.03 -12.18 22.24
CA GLU A 50 -9.78 -10.95 22.05
C GLU A 50 -8.99 -9.70 22.34
N VAL A 51 -8.25 -9.25 21.34
CA VAL A 51 -7.50 -7.99 21.39
C VAL A 51 -8.29 -6.87 20.70
N SER A 52 -8.37 -5.72 21.37
CA SER A 52 -8.93 -4.54 20.74
C SER A 52 -7.82 -3.56 20.38
N LYS A 53 -7.83 -3.10 19.13
CA LYS A 53 -6.83 -2.19 18.62
C LYS A 53 -7.58 -0.98 18.10
N THR A 54 -7.25 0.20 18.62
CA THR A 54 -8.01 1.41 18.30
C THR A 54 -7.10 2.60 17.95
N ALA A 55 -7.73 3.63 17.35
CA ALA A 55 -7.09 4.91 17.16
C ALA A 55 -7.09 5.71 18.47
N GLY A 56 -5.91 5.87 19.05
CA GLY A 56 -5.76 6.48 20.37
C GLY A 56 -5.09 7.83 20.38
N GLY A 57 -5.12 8.44 21.56
CA GLY A 57 -4.70 9.82 21.73
C GLY A 57 -5.89 10.58 22.28
N LYS A 58 -5.62 11.45 23.24
CA LYS A 58 -6.66 12.29 23.87
C LYS A 58 -7.48 13.12 22.88
N GLY A 59 -6.83 13.64 21.84
CA GLY A 59 -7.52 14.48 20.87
C GLY A 59 -8.54 13.70 20.07
N LEU A 60 -8.24 12.42 19.87
CA LEU A 60 -9.14 11.53 19.16
C LEU A 60 -10.34 11.08 19.99
N ASN A 61 -10.15 11.00 21.31
CA ASN A 61 -11.25 10.77 22.26
C ASN A 61 -12.19 11.99 22.32
N VAL A 62 -11.61 13.19 22.15
CA VAL A 62 -12.39 14.43 22.06
C VAL A 62 -13.20 14.40 20.76
N THR A 63 -12.54 14.11 19.64
CA THR A 63 -13.16 14.01 18.34
C THR A 63 -14.37 13.05 18.37
N ARG A 64 -14.14 11.83 18.89
CA ARG A 64 -15.20 10.83 19.04
C ARG A 64 -16.40 11.31 19.86
N VAL A 65 -16.14 11.97 20.99
CA VAL A 65 -17.25 12.50 21.78
C VAL A 65 -18.03 13.59 21.02
N LEU A 66 -17.32 14.41 20.25
CA LEU A 66 -17.93 15.51 19.50
C LEU A 66 -18.81 14.99 18.37
N ALA A 67 -18.36 13.93 17.70
CA ALA A 67 -19.16 13.22 16.71
C ALA A 67 -20.44 12.62 17.29
N GLN A 68 -20.35 12.06 18.51
CA GLN A 68 -21.57 11.62 19.23
C GLN A 68 -22.52 12.76 19.57
N VAL A 69 -21.98 13.88 20.05
CA VAL A 69 -22.77 15.07 20.37
C VAL A 69 -23.41 15.68 19.12
N GLY A 70 -22.84 15.38 17.95
CA GLY A 70 -23.39 15.87 16.68
C GLY A 70 -22.77 17.16 16.15
N GLU A 71 -21.60 17.53 16.69
CA GLU A 71 -20.87 18.72 16.26
C GLU A 71 -20.00 18.44 15.02
N PRO A 72 -19.90 19.39 14.06
CA PRO A 72 -18.96 19.20 12.95
C PRO A 72 -17.54 19.27 13.48
N VAL A 73 -16.72 18.30 13.09
CA VAL A 73 -15.37 18.17 13.63
C VAL A 73 -14.43 17.62 12.55
N LEU A 74 -13.18 18.05 12.65
CA LEU A 74 -12.09 17.64 11.77
C LEU A 74 -10.91 17.35 12.69
N ALA A 75 -10.34 16.17 12.52
CA ALA A 75 -9.17 15.74 13.30
C ALA A 75 -7.92 16.01 12.47
N SER A 76 -6.89 16.53 13.14
CA SER A 76 -5.56 16.67 12.54
C SER A 76 -4.49 16.40 13.59
N GLY A 77 -3.23 16.61 13.21
CA GLY A 77 -2.06 16.20 13.96
C GLY A 77 -1.08 15.57 12.98
N PHE A 78 -0.21 14.70 13.49
CA PHE A 78 0.81 14.00 12.71
C PHE A 78 0.50 12.51 12.70
N ILE A 79 0.49 11.91 11.51
CA ILE A 79 0.50 10.44 11.35
C ILE A 79 1.59 9.99 10.37
N GLY A 80 2.02 8.74 10.50
CA GLY A 80 2.99 8.16 9.58
C GLY A 80 3.01 6.65 9.57
N GLY A 81 3.59 6.08 8.53
CA GLY A 81 3.70 4.63 8.42
C GLY A 81 2.37 3.88 8.35
N GLU A 82 2.49 2.55 8.43
CA GLU A 82 1.34 1.67 8.36
C GLU A 82 0.39 1.91 9.52
N LEU A 83 0.96 2.28 10.66
CA LEU A 83 0.16 2.57 11.87
C LEU A 83 -0.62 3.87 11.73
N GLY A 84 -0.08 4.84 10.99
CA GLY A 84 -0.79 6.07 10.66
C GLY A 84 -1.92 5.74 9.69
N GLN A 85 -1.64 4.83 8.75
CA GLN A 85 -2.66 4.35 7.83
C GLN A 85 -3.80 3.60 8.55
N PHE A 86 -3.44 2.81 9.54
CA PHE A 86 -4.39 2.13 10.41
C PHE A 86 -5.25 3.15 11.15
N ILE A 87 -4.64 4.18 11.71
CA ILE A 87 -5.41 5.25 12.36
C ILE A 87 -6.44 5.84 11.40
N ALA A 88 -6.01 6.18 10.18
CA ALA A 88 -6.88 6.71 9.12
C ALA A 88 -8.03 5.77 8.75
N LYS A 89 -7.75 4.48 8.60
CA LYS A 89 -8.78 3.47 8.34
CA LYS A 89 -8.81 3.48 8.32
C LYS A 89 -9.87 3.49 9.42
N LYS A 90 -9.43 3.54 10.68
CA LYS A 90 -10.32 3.56 11.83
C LYS A 90 -11.26 4.77 11.85
N LEU A 91 -10.74 5.95 11.51
CA LEU A 91 -11.56 7.16 11.52
C LEU A 91 -12.54 7.17 10.35
N ASP A 92 -12.07 6.71 9.19
CA ASP A 92 -12.90 6.49 8.00
C ASP A 92 -14.09 5.58 8.28
N HIS A 93 -13.84 4.46 8.96
CA HIS A 93 -14.91 3.56 9.38
C HIS A 93 -15.94 4.28 10.26
N ALA A 94 -15.45 5.12 11.17
CA ALA A 94 -16.30 5.84 12.09
C ALA A 94 -16.90 7.09 11.48
N ASP A 95 -16.72 7.24 10.17
CA ASP A 95 -17.15 8.45 9.42
C ASP A 95 -16.57 9.72 10.03
N ILE A 96 -15.36 9.64 10.57
CA ILE A 96 -14.70 10.81 11.14
C ILE A 96 -13.74 11.42 10.13
N LYS A 97 -13.99 12.69 9.80
CA LYS A 97 -13.15 13.46 8.90
C LYS A 97 -11.81 13.83 9.56
N HIS A 98 -10.75 13.79 8.76
CA HIS A 98 -9.43 14.05 9.27
C HIS A 98 -8.57 14.65 8.18
N ALA A 99 -7.60 15.44 8.60
CA ALA A 99 -6.63 16.03 7.70
C ALA A 99 -5.29 16.07 8.42
N PHE A 100 -4.71 14.90 8.62
CA PHE A 100 -3.42 14.74 9.29
C PHE A 100 -2.26 15.03 8.33
N TYR A 101 -1.15 15.49 8.90
CA TYR A 101 0.06 15.76 8.17
C TYR A 101 0.92 14.49 8.19
N ASN A 102 1.33 14.06 7.00
CA ASN A 102 2.14 12.85 6.87
CA ASN A 102 2.16 12.86 6.78
C ASN A 102 3.63 13.13 7.09
N ILE A 103 4.23 12.27 7.92
CA ILE A 103 5.63 12.36 8.33
C ILE A 103 6.41 11.14 7.84
N LYS A 104 7.73 11.24 7.80
CA LYS A 104 8.59 10.11 7.43
C LYS A 104 8.66 9.01 8.48
N GLY A 105 8.35 9.36 9.71
CA GLY A 105 8.38 8.42 10.83
C GLY A 105 7.10 7.64 10.94
N GLU A 106 7.06 6.75 11.92
CA GLU A 106 5.95 5.87 12.10
C GLU A 106 5.21 6.22 13.38
N THR A 107 3.89 6.26 13.27
CA THR A 107 3.02 6.42 14.41
C THR A 107 3.28 5.27 15.38
N ARG A 108 3.25 5.59 16.67
CA ARG A 108 3.50 4.65 17.74
C ARG A 108 2.34 3.71 18.06
N ASN A 109 2.69 2.63 18.79
CA ASN A 109 1.77 1.79 19.53
C ASN A 109 1.79 2.22 21.00
N CYS A 110 0.73 1.89 21.73
CA CYS A 110 0.75 1.92 23.18
C CYS A 110 -0.01 0.67 23.65
N ILE A 111 0.50 0.03 24.70
CA ILE A 111 -0.11 -1.21 25.19
C ILE A 111 -0.80 -1.00 26.52
N ALA A 112 -2.03 -1.50 26.63
CA ALA A 112 -2.70 -1.57 27.92
C ALA A 112 -3.01 -3.02 28.21
N ILE A 113 -2.44 -3.53 29.30
CA ILE A 113 -2.71 -4.90 29.72
C ILE A 113 -3.72 -4.89 30.87
N LEU A 114 -4.92 -5.40 30.60
CA LEU A 114 -6.00 -5.46 31.58
C LEU A 114 -6.00 -6.85 32.18
N HIS A 115 -5.56 -6.94 33.43
CA HIS A 115 -5.34 -8.21 34.09
C HIS A 115 -5.56 -8.07 35.59
N GLU A 116 -6.19 -9.08 36.20
CA GLU A 116 -6.23 -9.26 37.66
C GLU A 116 -6.56 -7.99 38.46
N GLY A 117 -7.32 -7.07 37.87
CA GLY A 117 -7.68 -5.82 38.53
C GLY A 117 -6.79 -4.65 38.15
N GLN A 118 -5.81 -4.90 37.29
CA GLN A 118 -4.75 -3.93 36.99
C GLN A 118 -4.71 -3.51 35.52
N GLN A 119 -4.32 -2.25 35.30
CA GLN A 119 -3.98 -1.74 33.98
C GLN A 119 -2.47 -1.57 33.87
N THR A 120 -1.80 -2.55 33.28
CA THR A 120 -0.37 -2.42 33.05
C THR A 120 -0.13 -1.83 31.67
N GLU A 121 0.36 -0.60 31.64
CA GLU A 121 0.60 0.10 30.38
C GLU A 121 2.06 0.18 29.96
N ILE A 122 2.27 0.09 28.66
CA ILE A 122 3.58 0.35 28.04
C ILE A 122 3.37 1.47 27.01
N LEU A 123 4.00 2.61 27.27
CA LEU A 123 3.81 3.81 26.44
C LEU A 123 5.07 4.14 25.64
N GLU A 124 4.91 4.15 24.32
CA GLU A 124 5.99 4.44 23.37
C GLU A 124 6.18 5.93 23.16
N GLN A 125 7.44 6.36 23.19
CA GLN A 125 7.85 7.73 22.89
C GLN A 125 7.26 8.19 21.56
N GLY A 126 7.39 7.37 20.54
CA GLY A 126 6.81 7.69 19.23
C GLY A 126 7.83 8.33 18.30
N PRO A 127 7.36 8.75 17.10
CA PRO A 127 8.28 9.27 16.08
C PRO A 127 8.88 10.62 16.46
N GLU A 128 10.02 10.90 15.85
CA GLU A 128 10.66 12.21 15.87
C GLU A 128 10.14 13.02 14.69
N ILE A 129 9.70 14.25 14.96
CA ILE A 129 9.21 15.15 13.92
C ILE A 129 10.40 15.98 13.50
N ASP A 130 10.76 15.94 12.23
CA ASP A 130 11.90 16.75 11.76
C ASP A 130 11.51 18.21 11.55
N ASN A 131 12.44 19.00 11.01
CA ASN A 131 12.27 20.44 10.90
C ASN A 131 11.31 20.88 9.81
N GLN A 132 11.39 20.21 8.66
CA GLN A 132 10.51 20.49 7.52
C GLN A 132 9.07 20.12 7.85
N GLU A 133 8.90 19.06 8.62
CA GLU A 133 7.59 18.54 9.00
C GLU A 133 6.92 19.45 10.04
N ALA A 134 7.71 19.88 11.01
CA ALA A 134 7.25 20.85 12.02
C ALA A 134 6.77 22.14 11.36
N ALA A 135 7.56 22.68 10.43
CA ALA A 135 7.20 23.90 9.68
C ALA A 135 6.01 23.70 8.74
N GLY A 136 5.99 22.55 8.07
CA GLY A 136 4.93 22.22 7.11
C GLY A 136 3.60 22.03 7.79
N PHE A 137 3.61 21.41 8.97
CA PHE A 137 2.39 21.28 9.74
C PHE A 137 1.82 22.65 10.09
N ILE A 138 2.67 23.58 10.51
CA ILE A 138 2.21 24.96 10.76
C ILE A 138 1.49 25.59 9.56
N LYS A 139 2.06 25.41 8.37
CA LYS A 139 1.41 25.86 7.12
C LYS A 139 0.07 25.13 6.88
N HIS A 140 0.05 23.82 7.14
CA HIS A 140 -1.16 23.02 7.05
C HIS A 140 -2.22 23.53 8.01
N PHE A 141 -1.84 23.66 9.28
CA PHE A 141 -2.72 24.18 10.31
C PHE A 141 -3.32 25.53 9.93
N GLU A 142 -2.49 26.42 9.40
CA GLU A 142 -2.93 27.73 8.92
C GLU A 142 -4.00 27.62 7.85
N GLN A 143 -3.81 26.72 6.90
CA GLN A 143 -4.81 26.43 5.88
C GLN A 143 -6.12 25.94 6.53
N LEU A 144 -6.03 25.02 7.48
CA LEU A 144 -7.22 24.44 8.12
C LEU A 144 -8.01 25.46 8.93
N LEU A 145 -7.28 26.46 9.44
CA LEU A 145 -7.86 27.48 10.29
C LEU A 145 -8.92 28.29 9.55
N GLU A 146 -8.79 28.41 8.23
CA GLU A 146 -9.71 29.19 7.42
C GLU A 146 -11.13 28.68 7.46
N LYS A 147 -11.30 27.41 7.86
CA LYS A 147 -12.61 26.76 7.82
C LYS A 147 -13.06 26.27 9.21
N VAL A 148 -12.59 26.94 10.25
CA VAL A 148 -12.74 26.47 11.63
C VAL A 148 -13.11 27.63 12.58
N GLU A 149 -13.98 27.35 13.55
CA GLU A 149 -14.36 28.36 14.54
C GLU A 149 -13.85 28.09 15.97
N ALA A 150 -13.39 26.87 16.24
CA ALA A 150 -12.75 26.53 17.52
C ALA A 150 -11.71 25.41 17.33
N VAL A 151 -10.70 25.41 18.18
CA VAL A 151 -9.62 24.43 18.12
C VAL A 151 -9.43 23.80 19.51
N ALA A 152 -9.47 22.46 19.58
CA ALA A 152 -9.19 21.74 20.82
C ALA A 152 -7.83 21.03 20.73
N ILE A 153 -6.96 21.32 21.69
CA ILE A 153 -5.60 20.81 21.68
C ILE A 153 -5.41 19.92 22.90
N SER A 154 -5.11 18.64 22.65
CA SER A 154 -4.97 17.66 23.71
C SER A 154 -3.65 16.94 23.59
N GLY A 155 -3.04 16.62 24.74
CA GLY A 155 -1.88 15.73 24.78
C GLY A 155 -0.59 16.50 24.69
N SER A 156 0.51 15.82 24.95
CA SER A 156 1.83 16.43 25.00
C SER A 156 2.45 16.43 23.58
N LEU A 157 3.60 17.09 23.45
CA LEU A 157 4.26 17.23 22.16
C LEU A 157 5.10 15.99 21.82
N PRO A 158 4.99 15.52 20.56
CA PRO A 158 5.93 14.51 20.09
C PRO A 158 7.36 15.04 20.08
N LYS A 159 8.30 14.11 20.19
CA LYS A 159 9.74 14.39 20.15
C LYS A 159 10.17 15.10 18.85
N GLY A 160 11.19 15.96 18.94
CA GLY A 160 11.68 16.72 17.79
C GLY A 160 11.05 18.10 17.62
N LEU A 161 9.92 18.31 18.29
CA LEU A 161 9.22 19.59 18.20
C LEU A 161 9.78 20.54 19.24
N ASN A 162 9.96 21.80 18.83
CA ASN A 162 10.28 22.91 19.72
C ASN A 162 9.26 22.99 20.86
N GLN A 163 9.72 23.26 22.07
CA GLN A 163 8.83 23.28 23.23
C GLN A 163 7.82 24.45 23.24
N ASP A 164 7.98 25.37 22.29
CA ASP A 164 7.05 26.49 22.10
C ASP A 164 5.99 26.24 21.00
N TYR A 165 5.83 24.98 20.61
CA TYR A 165 5.04 24.63 19.43
C TYR A 165 3.55 24.91 19.58
N TYR A 166 3.01 24.60 20.76
CA TYR A 166 1.65 25.00 21.05
C TYR A 166 1.47 26.52 21.06
N ALA A 167 2.43 27.25 21.63
CA ALA A 167 2.40 28.73 21.60
C ALA A 167 2.34 29.28 20.16
N GLN A 168 3.11 28.67 19.26
CA GLN A 168 3.09 28.98 17.83
C GLN A 168 1.70 28.76 17.24
N ILE A 169 1.08 27.64 17.61
CA ILE A 169 -0.24 27.26 17.12
C ILE A 169 -1.28 28.21 17.69
N ILE A 170 -1.19 28.48 19.00
CA ILE A 170 -2.13 29.39 19.67
C ILE A 170 -2.06 30.79 19.08
N GLU A 171 -0.85 31.23 18.71
CA GLU A 171 -0.62 32.52 18.06
C GLU A 171 -1.33 32.59 16.71
N ARG A 172 -1.30 31.52 15.94
CA ARG A 172 -2.02 31.48 14.66
C ARG A 172 -3.53 31.63 14.89
N CYS A 173 -4.02 30.99 15.95
CA CYS A 173 -5.44 31.04 16.30
C CYS A 173 -5.90 32.41 16.75
N GLN A 174 -5.12 33.01 17.66
CA GLN A 174 -5.40 34.35 18.22
C GLN A 174 -5.46 35.43 17.13
N ASN A 175 -4.60 35.35 16.13
CA ASN A 175 -4.63 36.29 15.01
C ASN A 175 -5.96 36.24 14.24
N LYS A 176 -6.49 35.02 14.09
CA LYS A 176 -7.72 34.78 13.34
C LYS A 176 -8.96 34.87 14.20
N GLY A 177 -8.76 35.05 15.51
CA GLY A 177 -9.86 35.13 16.46
C GLY A 177 -10.59 33.82 16.71
N VAL A 178 -9.85 32.71 16.56
CA VAL A 178 -10.35 31.35 16.78
C VAL A 178 -9.97 30.87 18.20
N PRO A 179 -10.99 30.66 19.07
CA PRO A 179 -10.77 30.24 20.48
C PRO A 179 -10.08 28.87 20.63
N VAL A 180 -9.23 28.74 21.64
CA VAL A 180 -8.47 27.52 21.87
C VAL A 180 -8.81 26.88 23.21
N ILE A 181 -9.19 25.61 23.18
CA ILE A 181 -9.36 24.83 24.39
C ILE A 181 -8.12 23.96 24.51
N LEU A 182 -7.34 24.21 25.56
CA LEU A 182 -6.10 23.52 25.77
C LEU A 182 -6.22 22.47 26.88
N ASP A 183 -6.03 21.19 26.53
CA ASP A 183 -5.88 20.15 27.54
C ASP A 183 -4.49 19.53 27.44
N CYS A 184 -3.56 20.10 28.18
CA CYS A 184 -2.22 19.55 28.31
C CYS A 184 -1.80 19.89 29.72
N SER A 185 -0.70 19.29 30.18
CA SER A 185 -0.33 19.48 31.58
C SER A 185 1.16 19.64 31.78
N GLY A 186 1.56 19.78 33.03
CA GLY A 186 2.96 19.81 33.41
C GLY A 186 3.68 20.98 32.81
N ALA A 187 4.91 20.72 32.36
CA ALA A 187 5.78 21.72 31.75
C ALA A 187 5.18 22.28 30.46
N THR A 188 4.53 21.38 29.72
CA THR A 188 3.83 21.69 28.46
C THR A 188 2.81 22.81 28.67
N LEU A 189 1.88 22.60 29.59
CA LEU A 189 0.93 23.65 29.96
C LEU A 189 1.67 24.89 30.42
N GLN A 190 2.58 24.72 31.37
CA GLN A 190 3.31 25.83 31.96
C GLN A 190 4.02 26.69 30.90
N THR A 191 4.58 26.05 29.86
CA THR A 191 5.20 26.78 28.75
C THR A 191 4.20 27.71 28.07
N VAL A 192 2.97 27.23 27.88
CA VAL A 192 1.94 28.06 27.26
C VAL A 192 1.51 29.18 28.22
N LEU A 193 1.30 28.84 29.49
CA LEU A 193 0.90 29.83 30.49
C LEU A 193 1.86 31.01 30.60
N GLU A 194 3.15 30.78 30.32
CA GLU A 194 4.16 31.82 30.44
C GLU A 194 4.41 32.61 29.15
N ASN A 195 3.82 32.15 28.04
CA ASN A 195 3.97 32.85 26.78
C ASN A 195 2.84 33.87 26.57
N PRO A 196 3.05 34.87 25.68
CA PRO A 196 2.02 35.91 25.49
C PRO A 196 0.73 35.47 24.78
N TYR A 197 0.76 34.36 24.05
CA TYR A 197 -0.40 33.91 23.26
C TYR A 197 -1.27 32.91 24.04
N LYS A 198 -2.43 33.41 24.45
CA LYS A 198 -3.21 32.76 25.48
C LYS A 198 -4.31 31.88 24.93
N PRO A 199 -4.46 30.69 25.52
CA PRO A 199 -5.62 29.88 25.22
C PRO A 199 -6.87 30.53 25.82
N THR A 200 -8.03 30.17 25.27
CA THR A 200 -9.30 30.67 25.77
C THR A 200 -9.76 29.86 26.98
N VAL A 201 -9.58 28.54 26.93
CA VAL A 201 -9.98 27.67 28.03
C VAL A 201 -8.80 26.81 28.46
N ILE A 202 -8.53 26.80 29.76
CA ILE A 202 -7.71 25.74 30.36
C ILE A 202 -8.52 25.10 31.48
N LYS A 203 -8.09 23.91 31.89
CA LYS A 203 -8.94 23.04 32.68
C LYS A 203 -8.11 22.09 33.61
N PRO A 204 -7.15 22.65 34.38
CA PRO A 204 -6.44 21.79 35.32
C PRO A 204 -7.36 21.46 36.50
N ASN A 205 -7.30 20.21 36.99
CA ASN A 205 -7.98 19.88 38.26
C ASN A 205 -7.27 20.53 39.44
N ILE A 206 -7.89 20.46 40.62
CA ILE A 206 -7.42 21.20 41.80
C ILE A 206 -5.96 20.98 42.22
N SER A 207 -5.46 19.75 42.14
CA SER A 207 -4.05 19.50 42.50
C SER A 207 -3.09 20.06 41.45
N GLU A 208 -3.40 19.79 40.19
CA GLU A 208 -2.65 20.35 39.07
C GLU A 208 -2.51 21.87 39.17
N LEU A 209 -3.57 22.54 39.60
CA LEU A 209 -3.60 24.00 39.69
C LEU A 209 -2.56 24.54 40.68
N TYR A 210 -2.54 23.98 41.88
CA TYR A 210 -1.65 24.45 42.94
C TYR A 210 -0.20 24.03 42.71
N GLN A 211 0.00 22.82 42.18
CA GLN A 211 1.30 22.37 41.66
C GLN A 211 1.92 23.35 40.65
N LEU A 212 1.09 23.90 39.75
CA LEU A 212 1.53 24.89 38.76
C LEU A 212 2.04 26.16 39.43
N LEU A 213 1.41 26.52 40.55
CA LEU A 213 1.77 27.70 41.33
C LEU A 213 2.88 27.42 42.36
N ASN A 214 3.12 26.14 42.63
CA ASN A 214 4.03 25.70 43.69
C ASN A 214 3.52 26.08 45.08
N GLN A 215 2.22 25.88 45.30
CA GLN A 215 1.57 26.18 46.57
C GLN A 215 0.89 24.91 47.11
N PRO A 216 0.65 24.83 48.43
CA PRO A 216 -0.14 23.73 48.97
C PRO A 216 -1.59 23.75 48.49
N LEU A 217 -2.21 22.56 48.39
CA LEU A 217 -3.60 22.44 47.98
C LEU A 217 -4.55 22.98 49.06
N ASP A 218 -5.59 23.67 48.61
CA ASP A 218 -6.59 24.27 49.49
C ASP A 218 -7.96 24.28 48.80
N GLU A 219 -8.94 23.63 49.43
CA GLU A 219 -10.29 23.52 48.88
C GLU A 219 -11.20 24.71 49.21
N SER A 220 -10.74 25.59 50.09
CA SER A 220 -11.48 26.80 50.45
C SER A 220 -11.76 27.63 49.21
N LEU A 221 -12.95 28.22 49.15
CA LEU A 221 -13.39 28.99 47.99
C LEU A 221 -12.49 30.21 47.78
N GLU A 222 -12.26 30.97 48.85
CA GLU A 222 -11.45 32.18 48.78
C GLU A 222 -10.02 31.90 48.29
N SER A 223 -9.47 30.76 48.68
CA SER A 223 -8.12 30.35 48.29
C SER A 223 -8.04 29.90 46.82
N LEU A 224 -9.10 29.29 46.30
CA LEU A 224 -9.19 28.93 44.89
C LEU A 224 -9.34 30.16 44.01
N LYS A 225 -10.06 31.16 44.52
CA LYS A 225 -10.24 32.46 43.86
C LYS A 225 -8.90 33.19 43.65
N GLN A 226 -8.07 33.21 44.69
CA GLN A 226 -6.74 33.84 44.60
C GLN A 226 -5.84 33.05 43.64
N ALA A 227 -5.88 31.73 43.76
CA ALA A 227 -5.07 30.82 42.92
C ALA A 227 -5.31 31.05 41.41
N VAL A 228 -6.56 31.10 41.00
CA VAL A 228 -6.88 31.25 39.56
C VAL A 228 -6.64 32.68 39.03
N SER A 229 -6.70 33.66 39.94
CA SER A 229 -6.43 35.07 39.61
C SER A 229 -4.93 35.43 39.59
N GLN A 230 -4.05 34.46 39.84
CA GLN A 230 -2.61 34.70 39.84
C GLN A 230 -2.07 35.05 38.44
N PRO A 231 -0.94 35.78 38.39
CA PRO A 231 -0.25 36.17 37.14
C PRO A 231 -0.08 35.05 36.10
N LEU A 232 0.22 33.83 36.56
CA LEU A 232 0.40 32.67 35.67
C LEU A 232 -0.80 32.46 34.74
N PHE A 233 -1.99 32.75 35.26
CA PHE A 233 -3.23 32.50 34.51
C PHE A 233 -3.84 33.73 33.80
N GLU A 234 -3.10 34.85 33.81
CA GLU A 234 -3.51 36.12 33.17
C GLU A 234 -3.90 35.92 31.71
N GLY A 235 -5.00 36.54 31.29
CA GLY A 235 -5.41 36.56 29.89
C GLY A 235 -6.11 35.33 29.35
N ILE A 236 -6.33 34.34 30.21
CA ILE A 236 -7.08 33.15 29.81
C ILE A 236 -8.52 33.35 30.23
N GLU A 237 -9.42 33.30 29.26
CA GLU A 237 -10.82 33.66 29.46
C GLU A 237 -11.58 32.76 30.44
N TRP A 238 -11.36 31.46 30.30
CA TRP A 238 -12.00 30.45 31.14
C TRP A 238 -10.94 29.61 31.82
N ILE A 239 -11.04 29.48 33.13
CA ILE A 239 -10.30 28.47 33.87
C ILE A 239 -11.37 27.60 34.52
N ILE A 240 -11.34 26.29 34.24
CA ILE A 240 -12.39 25.39 34.72
C ILE A 240 -11.72 24.28 35.51
N VAL A 241 -11.90 24.30 36.82
CA VAL A 241 -11.15 23.45 37.73
C VAL A 241 -12.01 22.36 38.37
N SER A 242 -11.66 21.10 38.11
CA SER A 242 -12.36 19.98 38.73
C SER A 242 -11.93 19.78 40.18
N LEU A 243 -12.93 19.76 41.07
CA LEU A 243 -12.67 19.49 42.49
C LEU A 243 -13.00 18.04 42.86
N GLY A 244 -13.28 17.24 41.83
CA GLY A 244 -13.63 15.83 42.03
C GLY A 244 -15.14 15.66 42.08
N ALA A 245 -15.60 14.81 42.99
CA ALA A 245 -17.02 14.51 43.13
C ALA A 245 -17.86 15.74 43.49
N GLN A 246 -17.24 16.68 44.21
CA GLN A 246 -17.88 17.96 44.56
C GLN A 246 -17.81 18.97 43.42
N GLY A 247 -18.19 18.54 42.22
CA GLY A 247 -18.30 19.42 41.06
C GLY A 247 -17.04 20.12 40.58
N ALA A 248 -17.16 21.42 40.33
CA ALA A 248 -16.05 22.22 39.85
C ALA A 248 -16.04 23.65 40.37
N PHE A 249 -14.92 24.32 40.14
CA PHE A 249 -14.78 25.76 40.34
C PHE A 249 -14.32 26.36 39.00
N ALA A 250 -14.98 27.41 38.55
CA ALA A 250 -14.58 28.06 37.30
C ALA A 250 -14.46 29.57 37.46
N LYS A 251 -13.59 30.15 36.64
CA LYS A 251 -13.39 31.58 36.55
C LYS A 251 -13.61 31.94 35.09
N HIS A 252 -14.62 32.78 34.84
CA HIS A 252 -14.84 33.35 33.51
C HIS A 252 -14.60 34.86 33.54
N ASN A 253 -13.57 35.30 32.82
CA ASN A 253 -13.07 36.65 32.92
C ASN A 253 -12.75 36.94 34.39
N HIS A 254 -13.61 37.70 35.06
CA HIS A 254 -13.50 37.88 36.51
C HIS A 254 -14.80 37.54 37.27
N THR A 255 -15.49 36.54 36.75
CA THR A 255 -16.70 35.98 37.36
C THR A 255 -16.41 34.56 37.83
N PHE A 256 -16.81 34.23 39.05
CA PHE A 256 -16.52 32.93 39.62
C PHE A 256 -17.76 32.06 39.77
N TYR A 257 -17.58 30.78 39.50
CA TYR A 257 -18.66 29.81 39.56
C TYR A 257 -18.32 28.58 40.41
N ARG A 258 -19.28 28.18 41.24
CA ARG A 258 -19.27 26.87 41.86
C ARG A 258 -20.25 26.01 41.07
N VAL A 259 -19.74 24.95 40.45
CA VAL A 259 -20.58 23.99 39.74
C VAL A 259 -20.81 22.81 40.69
N ASN A 260 -22.08 22.55 41.02
CA ASN A 260 -22.43 21.45 41.89
C ASN A 260 -23.09 20.32 41.12
N ILE A 261 -22.44 19.15 41.15
CA ILE A 261 -22.91 17.96 40.42
C ILE A 261 -23.45 16.89 41.39
N PRO A 262 -24.47 16.11 40.96
CA PRO A 262 -25.03 15.03 41.77
C PRO A 262 -24.09 13.84 41.98
N THR A 263 -24.43 13.00 42.96
CA THR A 263 -23.70 11.75 43.21
C THR A 263 -23.93 10.76 42.05
N ILE A 264 -22.84 10.24 41.50
CA ILE A 264 -22.91 9.26 40.40
C ILE A 264 -22.16 7.99 40.71
N SER A 265 -22.55 6.91 40.05
CA SER A 265 -21.82 5.66 40.13
C SER A 265 -20.91 5.59 38.91
N VAL A 266 -19.61 5.66 39.15
CA VAL A 266 -18.62 5.64 38.07
C VAL A 266 -18.10 4.21 37.81
N LEU A 267 -17.52 4.00 36.62
CA LEU A 267 -16.96 2.70 36.23
C LEU A 267 -15.54 2.85 35.70
N ASN A 268 -15.34 3.83 34.81
CA ASN A 268 -14.03 4.13 34.23
C ASN A 268 -13.92 5.63 33.93
N PRO A 269 -13.14 6.36 34.75
CA PRO A 269 -13.04 7.82 34.65
C PRO A 269 -12.07 8.32 33.57
N VAL A 270 -11.29 7.42 33.01
CA VAL A 270 -10.36 7.76 31.93
C VAL A 270 -11.13 8.25 30.71
N GLY A 271 -10.82 9.47 30.26
CA GLY A 271 -11.47 10.06 29.11
C GLY A 271 -12.60 11.00 29.49
N SER A 272 -12.82 11.15 30.79
CA SER A 272 -13.78 12.13 31.29
C SER A 272 -13.25 13.53 31.01
N GLY A 273 -11.95 13.73 31.23
CA GLY A 273 -11.25 14.95 30.83
C GLY A 273 -11.41 15.25 29.34
N ASP A 274 -11.26 14.22 28.51
CA ASP A 274 -11.49 14.30 27.07
C ASP A 274 -12.93 14.64 26.73
N SER A 275 -13.87 14.06 27.48
CA SER A 275 -15.30 14.32 27.35
C SER A 275 -15.68 15.71 27.82
N THR A 276 -15.01 16.18 28.87
CA THR A 276 -15.18 17.56 29.34
C THR A 276 -14.73 18.54 28.24
N VAL A 277 -13.58 18.24 27.65
CA VAL A 277 -13.01 19.08 26.60
C VAL A 277 -13.96 19.16 25.44
N ALA A 278 -14.57 18.03 25.08
CA ALA A 278 -15.56 18.00 24.00
C ALA A 278 -16.77 18.88 24.33
N GLY A 279 -17.22 18.83 25.58
CA GLY A 279 -18.34 19.62 26.07
C GLY A 279 -18.06 21.11 26.10
N ILE A 280 -16.87 21.48 26.54
CA ILE A 280 -16.45 22.87 26.56
C ILE A 280 -16.42 23.39 25.14
N THR A 281 -15.78 22.62 24.25
CA THR A 281 -15.47 23.07 22.90
C THR A 281 -16.72 23.14 22.04
N SER A 282 -17.65 22.23 22.31
CA SER A 282 -19.00 22.29 21.73
C SER A 282 -19.77 23.54 22.17
N ALA A 283 -19.63 23.90 23.45
CA ALA A 283 -20.36 25.05 24.01
C ALA A 283 -19.78 26.36 23.51
N ILE A 284 -18.46 26.36 23.33
CA ILE A 284 -17.73 27.48 22.75
C ILE A 284 -18.18 27.74 21.32
N LEU A 285 -18.08 26.72 20.47
CA LEU A 285 -18.49 26.80 19.08
C LEU A 285 -19.89 27.42 18.92
N ASN A 286 -20.79 27.03 19.82
CA ASN A 286 -22.20 27.40 19.79
C ASN A 286 -22.57 28.68 20.54
N HIS A 287 -21.58 29.29 21.21
CA HIS A 287 -21.78 30.50 22.02
C HIS A 287 -22.84 30.32 23.10
N GLU A 288 -22.74 29.21 23.82
CA GLU A 288 -23.62 28.94 24.95
C GLU A 288 -23.23 29.83 26.11
N ASN A 289 -24.23 30.24 26.90
CA ASN A 289 -23.98 31.02 28.12
C ASN A 289 -23.18 30.24 29.16
N ASP A 290 -22.68 30.95 30.16
CA ASP A 290 -21.78 30.39 31.15
C ASP A 290 -22.33 29.14 31.84
N HIS A 291 -23.56 29.24 32.34
CA HIS A 291 -24.24 28.14 33.01
C HIS A 291 -24.32 26.92 32.08
N ASP A 292 -24.83 27.13 30.86
CA ASP A 292 -24.93 26.08 29.84
C ASP A 292 -23.58 25.46 29.46
N LEU A 293 -22.55 26.29 29.30
CA LEU A 293 -21.20 25.79 29.01
C LEU A 293 -20.72 24.87 30.14
N LEU A 294 -20.87 25.33 31.37
CA LEU A 294 -20.43 24.58 32.55
C LEU A 294 -21.23 23.27 32.76
N LYS A 295 -22.54 23.33 32.55
CA LYS A 295 -23.40 22.17 32.72
C LYS A 295 -23.11 21.09 31.67
N LYS A 296 -22.87 21.52 30.43
CA LYS A 296 -22.52 20.59 29.35
C LYS A 296 -21.16 19.91 29.56
N ALA A 297 -20.17 20.70 29.99
CA ALA A 297 -18.83 20.20 30.25
C ALA A 297 -18.83 19.10 31.31
N ASN A 298 -19.58 19.34 32.39
CA ASN A 298 -19.66 18.41 33.51
C ASN A 298 -20.58 17.22 33.29
N THR A 299 -21.58 17.38 32.43
CA THR A 299 -22.48 16.29 32.09
C THR A 299 -21.71 15.27 31.27
N LEU A 300 -21.12 15.73 30.17
CA LEU A 300 -20.33 14.86 29.32
C LEU A 300 -19.25 14.14 30.11
N GLY A 301 -18.60 14.86 31.02
CA GLY A 301 -17.57 14.30 31.89
C GLY A 301 -18.11 13.20 32.80
N LEU A 303 -21.08 11.47 32.29
CA LEU A 303 -21.65 10.40 31.46
C LEU A 303 -20.59 9.38 31.06
N ASN A 304 -19.43 9.89 30.66
CA ASN A 304 -18.30 9.08 30.28
C ASN A 304 -17.79 8.22 31.43
N ALA A 305 -17.67 8.84 32.60
CA ALA A 305 -17.25 8.17 33.82
C ALA A 305 -18.15 6.98 34.15
N GLN A 306 -19.43 7.10 33.78
CA GLN A 306 -20.43 6.05 34.00
C GLN A 306 -20.34 4.90 32.99
N GLU A 307 -19.56 5.09 31.93
CA GLU A 307 -19.42 4.09 30.88
C GLU A 307 -18.14 3.29 31.07
N ALA A 308 -18.16 2.05 30.58
CA ALA A 308 -16.98 1.20 30.58
C ALA A 308 -15.99 1.65 29.49
N GLN A 309 -16.54 2.25 28.43
CA GLN A 309 -15.74 2.74 27.30
C GLN A 309 -15.03 4.07 27.60
N THR A 310 -13.88 4.25 26.97
CA THR A 310 -13.08 5.48 27.07
C THR A 310 -13.54 6.47 26.00
N GLY A 311 -13.77 7.72 26.40
CA GLY A 311 -14.25 8.75 25.47
C GLY A 311 -15.50 8.29 24.74
N TYR A 312 -16.48 7.87 25.53
CA TYR A 312 -17.80 7.48 25.03
C TYR A 312 -18.86 7.99 26.01
N VAL A 313 -19.98 8.44 25.45
CA VAL A 313 -21.08 8.95 26.25
C VAL A 313 -22.41 8.36 25.79
N ASN A 314 -23.27 8.06 26.76
CA ASN A 314 -24.63 7.65 26.50
C ASN A 314 -25.51 8.90 26.55
N LEU A 315 -25.99 9.31 25.38
CA LEU A 315 -26.71 10.58 25.24
C LEU A 315 -28.14 10.56 25.78
N ASN A 316 -28.67 9.36 25.99
CA ASN A 316 -30.00 9.24 26.56
C ASN A 316 -30.01 9.36 28.09
N ASN A 317 -28.82 9.54 28.68
CA ASN A 317 -28.69 9.81 30.11
C ASN A 317 -28.27 11.26 30.36
N TYR A 318 -28.06 12.01 29.28
CA TYR A 318 -27.55 13.38 29.34
C TYR A 318 -28.50 14.34 30.07
N ASP A 319 -29.76 14.40 29.64
CA ASP A 319 -30.72 15.41 30.13
C ASP A 319 -31.06 15.31 31.62
N ASP A 320 -31.12 14.09 32.14
CA ASP A 320 -31.42 13.86 33.55
C ASP A 320 -30.31 14.31 34.50
N LEU A 321 -29.06 14.16 34.07
CA LEU A 321 -27.92 14.63 34.86
C LEU A 321 -27.76 16.15 34.76
N PHE A 322 -27.93 16.67 33.54
CA PHE A 322 -27.88 18.10 33.25
C PHE A 322 -28.83 18.89 34.14
N ASN A 323 -30.04 18.35 34.33
CA ASN A 323 -31.06 18.93 35.20
C ASN A 323 -30.71 18.89 36.70
N GLN A 324 -29.69 18.10 37.04
CA GLN A 324 -29.25 17.96 38.43
C GLN A 324 -28.05 18.85 38.77
N ILE A 325 -27.40 19.40 37.74
CA ILE A 325 -26.28 20.33 37.93
C ILE A 325 -26.77 21.72 38.33
N GLU A 326 -26.12 22.30 39.35
CA GLU A 326 -26.43 23.64 39.84
C GLU A 326 -25.20 24.54 39.69
N VAL A 327 -25.39 25.70 39.09
CA VAL A 327 -24.29 26.66 38.94
C VAL A 327 -24.52 27.90 39.81
N LEU A 328 -23.52 28.25 40.61
CA LEU A 328 -23.61 29.43 41.47
C LEU A 328 -22.48 30.42 41.23
N GLU A 329 -22.87 31.64 40.89
CA GLU A 329 -22.02 32.82 40.98
C GLU A 329 -21.60 32.94 42.44
N VAL A 330 -20.30 32.84 42.69
CA VAL A 330 -19.76 32.87 44.06
C VAL A 330 -18.79 34.03 44.29
N SER B 19 14.48 -21.91 -11.33
CA SER B 19 13.81 -22.64 -10.21
C SER B 19 14.76 -23.02 -9.05
N HIS B 20 16.02 -22.59 -9.11
CA HIS B 20 16.94 -22.87 -8.00
C HIS B 20 16.68 -21.87 -6.87
N ILE B 22 14.53 -21.67 -2.68
CA ILE B 22 13.75 -22.22 -1.56
C ILE B 22 12.51 -21.37 -1.32
N LEU B 23 11.36 -22.04 -1.17
CA LEU B 23 10.15 -21.39 -0.70
C LEU B 23 9.97 -21.62 0.80
N THR B 24 9.88 -20.52 1.55
CA THR B 24 9.47 -20.62 2.95
C THR B 24 8.00 -20.28 3.10
N LEU B 25 7.35 -20.98 4.02
CA LEU B 25 5.94 -20.80 4.28
C LEU B 25 5.77 -20.32 5.70
N THR B 26 5.14 -19.16 5.85
CA THR B 26 4.80 -18.61 7.16
C THR B 26 3.33 -18.29 7.11
N LEU B 27 2.51 -19.29 7.39
CA LEU B 27 1.07 -19.11 7.28
C LEU B 27 0.50 -18.19 8.35
N ASN B 28 1.20 -18.07 9.48
CA ASN B 28 0.76 -17.18 10.55
C ASN B 28 1.91 -16.29 11.07
N PRO B 29 2.24 -15.25 10.29
CA PRO B 29 3.30 -14.36 10.74
C PRO B 29 2.77 -13.38 11.79
N SER B 30 3.68 -12.56 12.31
CA SER B 30 3.29 -11.54 13.24
C SER B 30 4.22 -10.34 13.08
N VAL B 31 3.72 -9.18 13.48
CA VAL B 31 4.53 -8.01 13.74
C VAL B 31 4.96 -8.09 15.22
N ASP B 32 6.18 -8.57 15.45
CA ASP B 32 6.71 -8.72 16.81
C ASP B 32 7.16 -7.40 17.39
N ILE B 33 6.58 -7.05 18.54
CA ILE B 33 7.05 -5.87 19.23
C ILE B 33 7.84 -6.30 20.45
N SER B 34 9.01 -5.68 20.63
CA SER B 34 9.92 -6.03 21.71
C SER B 34 10.19 -4.83 22.60
N TYR B 35 9.81 -4.97 23.88
CA TYR B 35 9.93 -3.90 24.86
C TYR B 35 11.00 -4.23 25.92
N PRO B 36 12.25 -3.78 25.72
CA PRO B 36 13.25 -3.94 26.77
C PRO B 36 13.03 -2.92 27.89
N LEU B 37 12.76 -3.38 29.10
CA LEU B 37 12.52 -2.49 30.23
C LEU B 37 13.55 -2.75 31.34
N THR B 38 13.76 -1.75 32.18
CA THR B 38 14.63 -1.89 33.35
C THR B 38 13.86 -2.68 34.40
N ALA B 39 12.64 -2.21 34.65
CA ALA B 39 11.65 -2.94 35.43
C ALA B 39 10.30 -2.82 34.74
N LEU B 40 9.55 -3.92 34.70
CA LEU B 40 8.15 -3.90 34.31
C LEU B 40 7.34 -3.61 35.56
N LYS B 41 6.82 -2.39 35.65
CA LYS B 41 5.99 -2.00 36.77
C LYS B 41 4.53 -2.29 36.43
N LEU B 42 3.96 -3.28 37.12
CA LEU B 42 2.59 -3.70 36.86
C LEU B 42 1.63 -2.69 37.46
N ASP B 43 0.47 -2.52 36.84
CA ASP B 43 -0.56 -1.57 37.27
C ASP B 43 -0.10 -0.11 37.17
N ASP B 44 0.97 0.10 36.41
CA ASP B 44 1.56 1.44 36.27
C ASP B 44 1.93 1.65 34.81
N VAL B 45 2.28 2.90 34.49
CA VAL B 45 2.78 3.26 33.18
C VAL B 45 4.28 2.98 33.10
N ASN B 46 4.66 2.23 32.08
CA ASN B 46 6.04 1.97 31.74
C ASN B 46 6.36 2.66 30.42
N ARG B 47 7.19 3.69 30.49
CA ARG B 47 7.54 4.44 29.31
C ARG B 47 8.73 3.77 28.62
N VAL B 48 8.67 3.70 27.30
CA VAL B 48 9.70 3.07 26.50
C VAL B 48 10.12 3.96 25.31
N GLN B 49 11.38 3.82 24.91
CA GLN B 49 12.00 4.70 23.91
C GLN B 49 12.62 3.87 22.80
N GLU B 50 13.34 2.82 23.21
CA GLU B 50 14.01 1.90 22.30
C GLU B 50 13.10 0.71 22.08
N VAL B 51 12.30 0.76 21.01
CA VAL B 51 11.35 -0.31 20.68
C VAL B 51 11.70 -0.91 19.33
N SER B 52 11.77 -2.24 19.29
CA SER B 52 12.09 -2.95 18.08
C SER B 52 10.82 -3.61 17.52
N LYS B 53 10.48 -3.28 16.28
CA LYS B 53 9.33 -3.90 15.60
C LYS B 53 9.81 -4.57 14.31
N THR B 54 9.53 -5.86 14.18
CA THR B 54 10.07 -6.69 13.10
C THR B 54 9.01 -7.62 12.49
N ALA B 55 9.32 -8.16 11.30
CA ALA B 55 8.52 -9.21 10.69
C ALA B 55 8.82 -10.54 11.40
N GLY B 56 7.83 -11.03 12.16
CA GLY B 56 8.03 -12.17 13.03
C GLY B 56 7.39 -13.46 12.54
N GLY B 57 7.82 -14.56 13.15
CA GLY B 57 7.35 -15.87 12.78
C GLY B 57 8.53 -16.73 12.42
N LYS B 58 8.42 -18.01 12.79
CA LYS B 58 9.45 -19.02 12.54
C LYS B 58 9.94 -19.08 11.09
N GLY B 59 9.00 -19.09 10.14
CA GLY B 59 9.34 -19.20 8.70
C GLY B 59 10.12 -17.99 8.21
N LEU B 60 9.85 -16.83 8.79
CA LEU B 60 10.61 -15.62 8.46
C LEU B 60 12.03 -15.67 9.04
N ASN B 61 12.18 -16.31 10.20
CA ASN B 61 13.53 -16.57 10.75
C ASN B 61 14.32 -17.50 9.84
N VAL B 62 13.68 -18.55 9.36
CA VAL B 62 14.27 -19.46 8.39
C VAL B 62 14.75 -18.66 7.16
N THR B 63 13.86 -17.80 6.67
CA THR B 63 14.13 -16.94 5.51
C THR B 63 15.36 -16.05 5.71
N ARG B 64 15.36 -15.30 6.81
CA ARG B 64 16.49 -14.45 7.18
C ARG B 64 17.80 -15.23 7.30
N VAL B 65 17.77 -16.39 7.96
CA VAL B 65 18.97 -17.24 8.03
C VAL B 65 19.39 -17.74 6.63
N LEU B 66 18.42 -18.15 5.81
CA LEU B 66 18.73 -18.56 4.43
C LEU B 66 19.33 -17.44 3.58
N ALA B 67 18.89 -16.20 3.84
CA ALA B 67 19.37 -15.03 3.13
C ALA B 67 20.79 -14.67 3.55
N GLN B 68 21.09 -14.93 4.83
CA GLN B 68 22.45 -14.78 5.38
C GLN B 68 23.44 -15.72 4.69
N VAL B 69 23.05 -16.99 4.59
CA VAL B 69 23.87 -18.02 3.92
C VAL B 69 24.03 -17.69 2.44
N GLY B 70 23.16 -16.83 1.92
CA GLY B 70 23.22 -16.39 0.54
C GLY B 70 22.38 -17.26 -0.37
N GLU B 71 21.42 -17.97 0.22
CA GLU B 71 20.58 -18.90 -0.54
C GLU B 71 19.39 -18.17 -1.17
N PRO B 72 19.08 -18.52 -2.44
CA PRO B 72 17.92 -17.95 -3.12
C PRO B 72 16.68 -18.35 -2.35
N VAL B 73 15.94 -17.35 -1.89
CA VAL B 73 14.79 -17.62 -1.06
C VAL B 73 13.64 -16.66 -1.36
N LEU B 74 12.44 -17.19 -1.22
CA LEU B 74 11.23 -16.43 -1.42
C LEU B 74 10.32 -16.81 -0.28
N ALA B 75 9.81 -15.80 0.41
CA ALA B 75 8.90 -15.97 1.52
C ALA B 75 7.45 -15.86 1.07
N SER B 76 6.61 -16.76 1.57
CA SER B 76 5.20 -16.71 1.30
C SER B 76 4.42 -17.08 2.58
N GLY B 77 3.11 -17.14 2.45
CA GLY B 77 2.20 -17.26 3.58
C GLY B 77 1.06 -16.27 3.45
N PHE B 78 0.38 -15.99 4.56
CA PHE B 78 -0.78 -15.08 4.57
C PHE B 78 -0.40 -13.79 5.27
N ILE B 79 -0.86 -12.66 4.75
CA ILE B 79 -0.79 -11.37 5.48
C ILE B 79 -2.08 -10.60 5.28
N GLY B 80 -2.44 -9.74 6.24
CA GLY B 80 -3.59 -8.87 6.01
C GLY B 80 -3.49 -7.47 6.58
N GLY B 81 -4.12 -6.53 5.89
CA GLY B 81 -4.21 -5.13 6.32
C GLY B 81 -2.89 -4.43 6.48
N GLU B 82 -2.90 -3.33 7.21
CA GLU B 82 -1.73 -2.48 7.44
C GLU B 82 -0.53 -3.20 8.06
N LEU B 83 -0.77 -4.12 8.99
CA LEU B 83 0.33 -4.90 9.60
C LEU B 83 0.92 -5.91 8.62
N GLY B 84 0.13 -6.31 7.64
CA GLY B 84 0.67 -7.17 6.59
C GLY B 84 1.60 -6.33 5.74
N GLN B 85 1.22 -5.09 5.46
CA GLN B 85 2.06 -4.20 4.67
C GLN B 85 3.35 -3.79 5.39
N PHE B 86 3.28 -3.68 6.72
CA PHE B 86 4.47 -3.44 7.49
C PHE B 86 5.48 -4.58 7.29
N ILE B 87 5.00 -5.83 7.30
CA ILE B 87 5.82 -7.02 7.09
C ILE B 87 6.52 -7.02 5.74
N ALA B 88 5.74 -6.80 4.68
CA ALA B 88 6.25 -6.64 3.32
C ALA B 88 7.32 -5.56 3.24
N LYS B 89 7.07 -4.43 3.89
CA LYS B 89 8.00 -3.31 3.90
C LYS B 89 9.31 -3.69 4.57
N LYS B 90 9.22 -4.33 5.75
CA LYS B 90 10.41 -4.78 6.47
CA LYS B 90 10.41 -4.80 6.48
C LYS B 90 11.24 -5.76 5.62
N LEU B 91 10.56 -6.62 4.88
CA LEU B 91 11.21 -7.60 4.04
C LEU B 91 11.87 -6.93 2.83
N ASP B 92 11.15 -6.00 2.20
CA ASP B 92 11.70 -5.12 1.15
C ASP B 92 12.99 -4.40 1.59
N HIS B 93 13.01 -3.88 2.81
CA HIS B 93 14.17 -3.17 3.33
C HIS B 93 15.37 -4.12 3.46
N ALA B 94 15.10 -5.34 3.90
CA ALA B 94 16.09 -6.39 4.05
C ALA B 94 16.46 -7.03 2.70
N ASP B 95 15.90 -6.49 1.62
CA ASP B 95 15.99 -7.07 0.28
C ASP B 95 15.60 -8.56 0.25
N ILE B 96 14.60 -8.92 1.06
CA ILE B 96 14.05 -10.27 1.06
C ILE B 96 12.78 -10.32 0.18
N LYS B 97 12.82 -11.21 -0.82
CA LYS B 97 11.72 -11.40 -1.76
C LYS B 97 10.59 -12.12 -1.08
N HIS B 98 9.38 -11.69 -1.39
CA HIS B 98 8.20 -12.31 -0.81
C HIS B 98 7.06 -12.36 -1.84
N ALA B 99 6.21 -13.37 -1.69
CA ALA B 99 5.01 -13.56 -2.49
C ALA B 99 3.89 -14.09 -1.59
N PHE B 100 3.49 -13.27 -0.63
CA PHE B 100 2.39 -13.60 0.26
C PHE B 100 1.03 -13.61 -0.45
N TYR B 101 0.03 -14.14 0.22
CA TYR B 101 -1.33 -14.07 -0.26
C TYR B 101 -2.09 -13.20 0.75
N ASN B 102 -2.77 -12.15 0.26
CA ASN B 102 -3.48 -11.22 1.16
C ASN B 102 -4.83 -11.72 1.61
N ILE B 103 -5.15 -11.44 2.87
CA ILE B 103 -6.44 -11.82 3.46
C ILE B 103 -7.19 -10.59 3.95
N LYS B 104 -8.49 -10.74 4.19
CA LYS B 104 -9.36 -9.67 4.71
C LYS B 104 -9.10 -9.30 6.16
N GLY B 105 -8.59 -10.23 6.94
CA GLY B 105 -8.29 -9.96 8.35
C GLY B 105 -7.01 -9.19 8.54
N GLU B 106 -6.68 -8.88 9.79
CA GLU B 106 -5.42 -8.21 10.09
C GLU B 106 -4.34 -9.22 10.55
N THR B 107 -3.13 -9.06 10.03
CA THR B 107 -1.97 -9.75 10.58
C THR B 107 -1.86 -9.34 12.05
N ARG B 108 -1.54 -10.30 12.90
CA ARG B 108 -1.47 -10.10 14.34
C ARG B 108 -0.19 -9.40 14.76
N ASN B 109 -0.21 -8.87 15.98
CA ASN B 109 0.98 -8.47 16.70
C ASN B 109 1.37 -9.56 17.71
N CYS B 110 2.63 -9.58 18.10
CA CYS B 110 3.03 -10.39 19.25
C CYS B 110 3.97 -9.50 20.03
N ILE B 111 3.85 -9.53 21.36
CA ILE B 111 4.61 -8.69 22.28
CA ILE B 111 4.66 -8.70 22.21
C ILE B 111 5.56 -9.53 23.12
N ALA B 112 6.77 -9.00 23.36
CA ALA B 112 7.74 -9.59 24.26
C ALA B 112 8.25 -8.45 25.15
N ILE B 113 8.00 -8.56 26.44
CA ILE B 113 8.57 -7.63 27.40
C ILE B 113 9.80 -8.33 28.03
N LEU B 114 10.97 -7.71 27.87
CA LEU B 114 12.21 -8.20 28.45
C LEU B 114 12.52 -7.34 29.63
N HIS B 115 12.45 -7.93 30.81
CA HIS B 115 12.54 -7.14 32.03
C HIS B 115 13.19 -7.94 33.15
N GLU B 116 14.35 -7.46 33.61
CA GLU B 116 15.04 -8.06 34.74
C GLU B 116 15.22 -9.58 34.58
N GLY B 117 15.76 -9.99 33.43
CA GLY B 117 16.08 -11.38 33.15
C GLY B 117 14.95 -12.22 32.61
N GLN B 118 13.77 -11.63 32.49
CA GLN B 118 12.57 -12.36 32.06
C GLN B 118 12.11 -12.00 30.66
N GLN B 119 11.50 -12.98 29.99
CA GLN B 119 10.77 -12.81 28.74
C GLN B 119 9.27 -13.06 28.98
N THR B 120 8.51 -11.98 29.16
CA THR B 120 7.04 -12.07 29.26
C THR B 120 6.36 -11.80 27.90
N GLU B 121 5.75 -12.84 27.34
CA GLU B 121 5.18 -12.75 25.99
C GLU B 121 3.65 -12.72 25.96
N ILE B 122 3.13 -11.89 25.07
CA ILE B 122 1.71 -11.85 24.75
C ILE B 122 1.59 -12.21 23.28
N LEU B 123 0.94 -13.34 23.01
CA LEU B 123 0.78 -13.84 21.65
C LEU B 123 -0.71 -13.80 21.26
N GLU B 124 -1.02 -13.05 20.21
CA GLU B 124 -2.37 -12.97 19.69
C GLU B 124 -2.65 -14.17 18.80
N GLN B 125 -3.88 -14.63 18.87
CA GLN B 125 -4.31 -15.73 18.02
C GLN B 125 -4.21 -15.35 16.55
N GLY B 126 -4.56 -14.11 16.23
CA GLY B 126 -4.50 -13.66 14.84
C GLY B 126 -5.81 -13.85 14.10
N PRO B 127 -5.80 -13.60 12.78
CA PRO B 127 -7.01 -13.54 11.99
C PRO B 127 -7.61 -14.92 11.65
N GLU B 128 -8.88 -14.93 11.27
CA GLU B 128 -9.49 -16.13 10.77
C GLU B 128 -9.37 -16.12 9.25
N ILE B 129 -9.00 -17.26 8.68
CA ILE B 129 -8.90 -17.39 7.23
C ILE B 129 -10.18 -18.06 6.73
N ASP B 130 -10.85 -17.44 5.77
CA ASP B 130 -12.05 -18.06 5.19
C ASP B 130 -11.73 -19.04 4.05
N ASN B 131 -12.73 -19.80 3.62
CA ASN B 131 -12.54 -20.84 2.62
C ASN B 131 -12.10 -20.35 1.23
N GLN B 132 -12.54 -19.15 0.84
CA GLN B 132 -12.08 -18.57 -0.43
C GLN B 132 -10.60 -18.21 -0.38
N GLU B 133 -10.16 -17.66 0.76
CA GLU B 133 -8.74 -17.35 1.00
C GLU B 133 -7.87 -18.59 1.06
N ALA B 134 -8.34 -19.62 1.76
CA ALA B 134 -7.64 -20.92 1.83
C ALA B 134 -7.44 -21.58 0.46
N ALA B 135 -8.49 -21.59 -0.36
CA ALA B 135 -8.39 -22.13 -1.71
C ALA B 135 -7.59 -21.19 -2.62
N GLY B 136 -7.78 -19.88 -2.41
CA GLY B 136 -6.99 -18.85 -3.10
C GLY B 136 -5.51 -19.05 -2.90
N PHE B 137 -5.09 -19.26 -1.64
CA PHE B 137 -3.68 -19.51 -1.36
C PHE B 137 -3.16 -20.78 -2.01
N ILE B 138 -3.98 -21.82 -2.06
CA ILE B 138 -3.58 -23.08 -2.68
C ILE B 138 -3.19 -22.86 -4.15
N LYS B 139 -4.06 -22.19 -4.91
CA LYS B 139 -3.77 -21.83 -6.31
C LYS B 139 -2.51 -20.97 -6.48
N HIS B 140 -2.38 -19.95 -5.63
CA HIS B 140 -1.19 -19.11 -5.55
C HIS B 140 0.07 -19.93 -5.23
N PHE B 141 -0.05 -20.83 -4.27
CA PHE B 141 1.08 -21.69 -3.88
C PHE B 141 1.54 -22.64 -5.00
N GLU B 142 0.57 -23.20 -5.72
CA GLU B 142 0.82 -24.11 -6.84
C GLU B 142 1.60 -23.42 -7.96
N GLN B 143 1.24 -22.17 -8.27
CA GLN B 143 1.98 -21.43 -9.29
C GLN B 143 3.41 -21.02 -8.84
N LEU B 144 3.57 -20.76 -7.54
CA LEU B 144 4.88 -20.51 -6.93
C LEU B 144 5.76 -21.74 -7.00
N LEU B 145 5.14 -22.90 -6.92
CA LEU B 145 5.83 -24.16 -6.88
C LEU B 145 6.59 -24.46 -8.20
N GLU B 146 6.19 -23.80 -9.28
CA GLU B 146 6.88 -23.92 -10.58
C GLU B 146 8.24 -23.19 -10.60
N LYS B 147 8.52 -22.38 -9.58
CA LYS B 147 9.77 -21.61 -9.56
C LYS B 147 10.69 -21.92 -8.36
N VAL B 148 10.56 -23.11 -7.78
CA VAL B 148 11.33 -23.49 -6.57
C VAL B 148 11.68 -24.97 -6.56
N GLU B 149 12.71 -25.32 -5.79
CA GLU B 149 13.24 -26.68 -5.72
C GLU B 149 13.14 -27.29 -4.31
N ALA B 150 12.74 -26.49 -3.34
CA ALA B 150 12.54 -26.98 -1.97
C ALA B 150 11.60 -26.09 -1.20
N VAL B 151 10.83 -26.68 -0.30
CA VAL B 151 9.86 -25.93 0.51
C VAL B 151 10.10 -26.18 1.99
N ALA B 152 10.22 -25.09 2.75
CA ALA B 152 10.37 -25.16 4.20
C ALA B 152 9.10 -24.64 4.85
N ILE B 153 8.46 -25.49 5.64
CA ILE B 153 7.20 -25.15 6.31
C ILE B 153 7.40 -25.08 7.81
N SER B 154 7.11 -23.91 8.38
CA SER B 154 7.34 -23.67 9.81
C SER B 154 6.09 -23.10 10.43
N GLY B 155 5.75 -23.58 11.63
CA GLY B 155 4.66 -22.98 12.40
C GLY B 155 3.34 -23.73 12.28
N SER B 156 2.36 -23.27 13.05
CA SER B 156 1.03 -23.86 13.08
C SER B 156 0.07 -23.13 12.14
N LEU B 157 -1.11 -23.71 11.97
CA LEU B 157 -2.13 -23.15 11.11
C LEU B 157 -2.81 -21.95 11.78
N PRO B 158 -2.99 -20.84 11.06
CA PRO B 158 -3.86 -19.80 11.57
C PRO B 158 -5.30 -20.29 11.73
N LYS B 159 -6.03 -19.62 12.61
CA LYS B 159 -7.45 -19.85 12.86
C LYS B 159 -8.24 -19.95 11.55
N GLY B 160 -9.20 -20.88 11.48
CA GLY B 160 -10.12 -20.97 10.34
C GLY B 160 -9.81 -21.98 9.23
N LEU B 161 -8.54 -22.38 9.13
CA LEU B 161 -8.09 -23.31 8.10
C LEU B 161 -8.44 -24.75 8.48
N ASN B 162 -8.94 -25.52 7.52
CA ASN B 162 -9.14 -26.96 7.70
C ASN B 162 -7.87 -27.60 8.27
N GLN B 163 -8.02 -28.60 9.12
CA GLN B 163 -6.88 -29.29 9.72
C GLN B 163 -5.99 -29.98 8.68
N ASP B 164 -6.56 -30.28 7.52
CA ASP B 164 -5.84 -31.00 6.46
C ASP B 164 -4.89 -30.09 5.66
N TYR B 165 -4.81 -28.81 6.01
CA TYR B 165 -4.18 -27.81 5.13
C TYR B 165 -2.72 -28.05 4.77
N TYR B 166 -1.91 -28.48 5.73
CA TYR B 166 -0.52 -28.84 5.43
C TYR B 166 -0.42 -30.07 4.53
N ALA B 167 -1.26 -31.07 4.80
CA ALA B 167 -1.37 -32.26 3.95
C ALA B 167 -1.73 -31.88 2.51
N GLN B 168 -2.62 -30.89 2.36
CA GLN B 168 -2.97 -30.35 1.05
C GLN B 168 -1.76 -29.72 0.35
N ILE B 169 -1.01 -28.91 1.09
CA ILE B 169 0.19 -28.25 0.58
C ILE B 169 1.22 -29.30 0.15
N ILE B 170 1.47 -30.26 1.03
CA ILE B 170 2.46 -31.31 0.78
C ILE B 170 2.05 -32.21 -0.39
N GLU B 171 0.75 -32.49 -0.52
CA GLU B 171 0.23 -33.17 -1.71
C GLU B 171 0.75 -32.49 -2.98
N ARG B 172 0.60 -31.16 -3.04
CA ARG B 172 1.02 -30.36 -4.20
C ARG B 172 2.52 -30.49 -4.46
N CYS B 173 3.33 -30.40 -3.41
CA CYS B 173 4.78 -30.56 -3.51
C CYS B 173 5.19 -31.95 -3.98
N GLN B 174 4.59 -32.98 -3.41
CA GLN B 174 4.83 -34.36 -3.82
C GLN B 174 4.55 -34.55 -5.32
N ASN B 175 3.40 -34.06 -5.80
CA ASN B 175 3.06 -34.16 -7.22
C ASN B 175 4.20 -33.62 -8.09
N LYS B 176 4.82 -32.53 -7.62
CA LYS B 176 5.82 -31.77 -8.38
C LYS B 176 7.24 -32.18 -8.08
N GLY B 177 7.42 -33.20 -7.23
CA GLY B 177 8.75 -33.66 -6.86
C GLY B 177 9.60 -32.58 -6.19
N VAL B 178 8.98 -31.81 -5.31
CA VAL B 178 9.64 -30.73 -4.58
C VAL B 178 9.69 -31.13 -3.10
N PRO B 179 10.89 -31.35 -2.53
CA PRO B 179 11.04 -31.74 -1.11
C PRO B 179 10.50 -30.73 -0.08
N VAL B 180 9.88 -31.25 0.98
CA VAL B 180 9.30 -30.43 2.06
C VAL B 180 10.08 -30.69 3.33
N ILE B 181 10.62 -29.62 3.89
CA ILE B 181 11.22 -29.63 5.22
C ILE B 181 10.16 -29.06 6.18
N LEU B 182 9.67 -29.93 7.05
CA LEU B 182 8.54 -29.57 7.90
C LEU B 182 9.00 -29.32 9.33
N ASP B 183 8.75 -28.10 9.81
CA ASP B 183 9.06 -27.74 11.18
C ASP B 183 7.76 -27.31 11.87
N CYS B 184 7.01 -28.30 12.34
CA CYS B 184 5.77 -28.01 13.05
C CYS B 184 5.59 -29.09 14.09
N SER B 185 4.63 -28.90 14.99
CA SER B 185 4.61 -29.74 16.19
C SER B 185 3.22 -30.12 16.68
N GLY B 186 3.19 -31.08 17.60
CA GLY B 186 1.97 -31.49 18.31
C GLY B 186 0.93 -32.07 17.39
N ALA B 187 -0.32 -31.67 17.61
CA ALA B 187 -1.44 -32.17 16.81
C ALA B 187 -1.32 -31.78 15.34
N THR B 188 -0.59 -30.70 15.06
CA THR B 188 -0.40 -30.19 13.70
C THR B 188 0.47 -31.12 12.86
N LEU B 189 1.62 -31.51 13.42
CA LEU B 189 2.52 -32.48 12.80
C LEU B 189 1.86 -33.87 12.67
N GLN B 190 1.11 -34.27 13.70
CA GLN B 190 0.50 -35.61 13.76
C GLN B 190 -0.51 -35.86 12.65
N THR B 191 -1.27 -34.82 12.29
CA THR B 191 -2.22 -34.85 11.17
C THR B 191 -1.49 -35.15 9.85
N VAL B 192 -0.30 -34.56 9.69
CA VAL B 192 0.56 -34.80 8.51
C VAL B 192 1.11 -36.22 8.47
N LEU B 193 1.70 -36.67 9.58
CA LEU B 193 2.27 -38.01 9.69
C LEU B 193 1.27 -39.12 9.32
N GLU B 194 0.02 -38.92 9.71
CA GLU B 194 -1.03 -39.89 9.41
C GLU B 194 -1.59 -39.81 7.97
N ASN B 195 -1.26 -38.75 7.24
CA ASN B 195 -1.72 -38.60 5.85
C ASN B 195 -0.74 -39.23 4.83
N PRO B 196 -1.21 -39.52 3.60
CA PRO B 196 -0.30 -40.21 2.65
C PRO B 196 0.86 -39.36 2.09
N TYR B 197 0.69 -38.04 2.02
CA TYR B 197 1.70 -37.18 1.39
C TYR B 197 2.70 -36.67 2.41
N LYS B 198 3.95 -37.09 2.23
CA LYS B 198 4.98 -36.98 3.26
C LYS B 198 5.96 -35.83 3.10
N PRO B 199 6.34 -35.21 4.24
CA PRO B 199 7.48 -34.29 4.23
C PRO B 199 8.75 -35.12 3.96
N THR B 200 9.78 -34.49 3.40
CA THR B 200 11.06 -35.17 3.17
C THR B 200 11.86 -35.17 4.46
N VAL B 201 11.72 -34.08 5.23
CA VAL B 201 12.43 -33.93 6.50
C VAL B 201 11.45 -33.51 7.60
N ILE B 202 11.49 -34.24 8.71
CA ILE B 202 10.95 -33.74 9.97
C ILE B 202 12.07 -33.62 11.02
N LYS B 203 11.85 -32.79 12.03
CA LYS B 203 12.88 -32.52 13.03
C LYS B 203 12.31 -32.42 14.46
N PRO B 204 11.57 -33.46 14.92
CA PRO B 204 11.10 -33.39 16.32
C PRO B 204 12.25 -33.62 17.28
N ASN B 205 12.30 -32.88 18.38
CA ASN B 205 13.26 -33.16 19.45
C ASN B 205 12.87 -34.45 20.18
N ILE B 206 13.77 -34.94 21.04
CA ILE B 206 13.60 -36.24 21.70
C ILE B 206 12.35 -36.35 22.59
N SER B 207 12.08 -35.32 23.39
CA SER B 207 10.85 -35.25 24.19
C SER B 207 9.61 -35.28 23.29
N GLU B 208 9.67 -34.55 22.18
CA GLU B 208 8.57 -34.46 21.21
C GLU B 208 8.34 -35.79 20.48
N LEU B 209 9.42 -36.44 20.07
CA LEU B 209 9.38 -37.76 19.41
C LEU B 209 8.53 -38.78 20.18
N TYR B 210 8.77 -38.89 21.48
CA TYR B 210 8.07 -39.84 22.36
C TYR B 210 6.65 -39.39 22.74
N GLN B 211 6.42 -38.07 22.73
CA GLN B 211 5.08 -37.49 22.89
C GLN B 211 4.15 -37.88 21.75
N LEU B 212 4.73 -38.02 20.56
CA LEU B 212 3.98 -38.43 19.37
C LEU B 212 3.49 -39.87 19.47
N LEU B 213 4.30 -40.73 20.08
CA LEU B 213 3.99 -42.14 20.24
C LEU B 213 3.19 -42.41 21.53
N ASN B 214 2.95 -41.36 22.32
CA ASN B 214 2.43 -41.49 23.69
C ASN B 214 3.26 -42.48 24.51
N GLN B 215 4.56 -42.49 24.25
CA GLN B 215 5.52 -43.37 24.92
C GLN B 215 6.34 -42.60 25.96
N PRO B 216 6.76 -43.28 27.04
CA PRO B 216 7.63 -42.62 28.01
C PRO B 216 8.98 -42.27 27.38
N LEU B 217 9.55 -41.13 27.80
CA LEU B 217 10.83 -40.64 27.32
C LEU B 217 11.98 -41.59 27.67
N ASP B 218 12.60 -42.17 26.63
CA ASP B 218 13.77 -43.02 26.79
C ASP B 218 14.92 -42.53 25.90
N GLU B 219 16.04 -42.21 26.54
CA GLU B 219 17.24 -41.69 25.88
C GLU B 219 18.08 -42.79 25.23
N SER B 220 17.72 -44.06 25.54
CA SER B 220 18.36 -45.25 24.99
C SER B 220 18.43 -45.24 23.46
N LEU B 221 19.59 -45.63 22.92
CA LEU B 221 19.80 -45.58 21.45
C LEU B 221 18.88 -46.56 20.70
N GLU B 222 18.64 -47.72 21.30
CA GLU B 222 17.83 -48.76 20.67
C GLU B 222 16.36 -48.39 20.67
N SER B 223 15.91 -47.85 21.81
CA SER B 223 14.55 -47.30 21.91
C SER B 223 14.36 -46.18 20.87
N LEU B 224 15.42 -45.41 20.65
CA LEU B 224 15.44 -44.34 19.65
C LEU B 224 15.37 -44.87 18.22
N LYS B 225 16.15 -45.92 17.93
CA LYS B 225 16.11 -46.58 16.63
C LYS B 225 14.73 -47.19 16.36
N GLN B 226 14.15 -47.79 17.40
CA GLN B 226 12.80 -48.33 17.35
C GLN B 226 11.75 -47.24 17.15
N ALA B 227 11.76 -46.21 18.03
CA ALA B 227 10.82 -45.09 17.96
C ALA B 227 10.75 -44.40 16.60
N VAL B 228 11.92 -44.21 16.00
CA VAL B 228 12.04 -43.55 14.70
C VAL B 228 11.59 -44.46 13.52
N SER B 229 11.47 -45.76 13.80
CA SER B 229 11.10 -46.77 12.81
C SER B 229 9.65 -47.26 12.96
N GLN B 230 8.93 -46.69 13.93
CA GLN B 230 7.52 -47.03 14.15
C GLN B 230 6.65 -46.51 12.98
N PRO B 231 5.57 -47.26 12.63
CA PRO B 231 4.60 -46.90 11.57
C PRO B 231 4.09 -45.44 11.53
N LEU B 232 4.28 -44.68 12.59
CA LEU B 232 3.86 -43.27 12.60
C LEU B 232 4.74 -42.41 11.69
N PHE B 233 6.01 -42.79 11.60
CA PHE B 233 7.01 -42.06 10.82
C PHE B 233 7.35 -42.71 9.48
N GLU B 234 6.50 -43.65 9.04
CA GLU B 234 6.72 -44.37 7.78
C GLU B 234 6.66 -43.43 6.55
N GLY B 235 7.57 -43.67 5.62
CA GLY B 235 7.67 -42.90 4.39
C GLY B 235 8.31 -41.52 4.53
N ILE B 236 8.98 -41.28 5.64
CA ILE B 236 9.71 -40.02 5.82
C ILE B 236 11.20 -40.25 5.61
N GLU B 237 11.78 -39.47 4.70
CA GLU B 237 13.17 -39.66 4.31
C GLU B 237 14.17 -39.37 5.44
N TRP B 238 14.17 -38.12 5.92
CA TRP B 238 15.01 -37.67 7.04
C TRP B 238 14.21 -37.42 8.31
N ILE B 239 14.62 -38.07 9.40
CA ILE B 239 14.10 -37.74 10.74
C ILE B 239 15.29 -37.27 11.59
N ILE B 240 15.30 -35.98 11.95
CA ILE B 240 16.45 -35.40 12.67
C ILE B 240 16.07 -34.99 14.11
N VAL B 241 16.58 -35.74 15.09
CA VAL B 241 16.16 -35.58 16.49
C VAL B 241 17.26 -34.91 17.35
N SER B 242 16.97 -33.71 17.85
CA SER B 242 17.92 -33.01 18.73
C SER B 242 17.95 -33.63 20.12
N LEU B 243 19.15 -33.83 20.64
CA LEU B 243 19.33 -34.47 21.94
C LEU B 243 19.75 -33.46 23.00
N GLY B 244 19.77 -32.18 22.62
CA GLY B 244 20.26 -31.12 23.49
C GLY B 244 21.71 -30.81 23.16
N ALA B 245 22.50 -30.54 24.20
CA ALA B 245 23.94 -30.29 24.08
C ALA B 245 24.65 -31.49 23.45
N GLN B 246 24.30 -32.69 23.94
CA GLN B 246 24.74 -33.96 23.36
C GLN B 246 25.01 -33.87 21.86
N GLY B 247 24.00 -33.40 21.11
CA GLY B 247 24.06 -33.31 19.66
C GLY B 247 22.74 -33.77 19.05
N ALA B 248 22.82 -34.60 18.02
CA ALA B 248 21.61 -35.11 17.35
C ALA B 248 21.64 -36.60 17.11
N PHE B 249 20.44 -37.16 16.91
CA PHE B 249 20.23 -38.51 16.38
C PHE B 249 19.34 -38.37 15.16
N ALA B 250 19.72 -38.99 14.05
CA ALA B 250 18.97 -38.86 12.82
C ALA B 250 18.79 -40.20 12.09
N LYS B 251 17.69 -40.31 11.33
CA LYS B 251 17.41 -41.46 10.48
C LYS B 251 17.23 -41.01 9.03
N HIS B 252 18.13 -41.47 8.15
CA HIS B 252 17.99 -41.25 6.72
C HIS B 252 17.79 -42.59 5.99
N ASN B 253 16.55 -42.81 5.51
CA ASN B 253 16.10 -44.09 4.99
C ASN B 253 16.35 -45.19 6.04
N HIS B 254 17.31 -46.09 5.77
CA HIS B 254 17.66 -47.14 6.72
C HIS B 254 18.93 -46.85 7.54
N THR B 255 19.63 -45.78 7.22
CA THR B 255 20.86 -45.42 7.93
C THR B 255 20.57 -44.56 9.17
N PHE B 256 21.29 -44.85 10.26
CA PHE B 256 21.20 -44.06 11.48
C PHE B 256 22.53 -43.37 11.78
N TYR B 257 22.46 -42.06 12.05
CA TYR B 257 23.63 -41.27 12.39
C TYR B 257 23.55 -40.71 13.81
N ARG B 258 24.73 -40.45 14.40
CA ARG B 258 24.82 -39.71 15.65
C ARG B 258 25.73 -38.52 15.42
N VAL B 259 25.21 -37.28 15.83
CA VAL B 259 25.98 -36.07 15.55
C VAL B 259 26.69 -35.59 16.84
N ASN B 260 28.04 -35.67 16.83
CA ASN B 260 28.88 -35.23 17.96
C ASN B 260 29.35 -33.77 17.80
N ILE B 261 28.65 -32.88 18.72
CA ILE B 261 28.84 -31.43 18.59
C ILE B 261 29.63 -30.82 19.74
N PRO B 262 30.47 -29.80 19.45
CA PRO B 262 31.36 -29.20 20.45
C PRO B 262 30.62 -28.44 21.56
N THR B 263 31.36 -27.67 22.35
CA THR B 263 30.77 -26.92 23.45
C THR B 263 30.60 -25.44 23.09
N ILE B 264 29.44 -24.89 23.45
CA ILE B 264 29.16 -23.45 23.33
C ILE B 264 28.44 -22.93 24.57
N SER B 265 28.45 -21.61 24.73
CA SER B 265 27.61 -20.96 25.75
C SER B 265 26.33 -20.48 25.08
N VAL B 266 25.18 -20.97 25.56
CA VAL B 266 23.88 -20.55 25.04
C VAL B 266 23.43 -19.21 25.65
N LEU B 267 23.32 -18.19 24.81
CA LEU B 267 22.84 -16.87 25.23
C LEU B 267 21.33 -16.75 25.02
N ASN B 268 20.86 -17.22 23.86
CA ASN B 268 19.42 -17.27 23.56
C ASN B 268 19.10 -18.42 22.61
N PRO B 269 18.49 -19.51 23.14
CA PRO B 269 18.23 -20.70 22.33
C PRO B 269 16.90 -20.68 21.56
N VAL B 270 16.26 -19.52 21.50
CA VAL B 270 15.01 -19.33 20.74
C VAL B 270 15.32 -19.09 19.26
N GLY B 271 14.69 -19.87 18.39
CA GLY B 271 14.92 -19.78 16.94
C GLY B 271 16.09 -20.62 16.46
N SER B 272 16.61 -21.46 17.37
CA SER B 272 17.68 -22.39 17.05
C SER B 272 17.15 -23.44 16.07
N GLY B 273 15.90 -23.84 16.26
CA GLY B 273 15.19 -24.73 15.33
C GLY B 273 15.03 -24.12 13.95
N ASP B 274 14.67 -22.83 13.90
CA ASP B 274 14.59 -22.06 12.64
C ASP B 274 15.91 -22.10 11.84
N SER B 275 17.02 -21.80 12.51
CA SER B 275 18.35 -21.91 11.93
C SER B 275 18.68 -23.31 11.44
N THR B 276 18.29 -24.32 12.22
CA THR B 276 18.47 -25.72 11.83
C THR B 276 17.61 -26.08 10.60
N VAL B 277 16.39 -25.57 10.55
CA VAL B 277 15.54 -25.75 9.37
C VAL B 277 16.20 -25.09 8.16
N ALA B 278 16.68 -23.85 8.33
CA ALA B 278 17.39 -23.16 7.25
C ALA B 278 18.61 -23.96 6.75
N GLY B 279 19.28 -24.66 7.68
CA GLY B 279 20.46 -25.48 7.38
C GLY B 279 20.11 -26.78 6.68
N ILE B 280 19.10 -27.48 7.19
CA ILE B 280 18.56 -28.68 6.55
C ILE B 280 18.09 -28.37 5.13
N THR B 281 17.39 -27.25 4.96
CA THR B 281 16.81 -26.86 3.66
C THR B 281 17.84 -26.43 2.61
N SER B 282 18.88 -25.72 3.05
CA SER B 282 19.98 -25.31 2.19
C SER B 282 20.70 -26.55 1.64
N ALA B 283 20.95 -27.52 2.52
CA ALA B 283 21.60 -28.76 2.16
C ALA B 283 20.80 -29.55 1.11
N ILE B 284 19.48 -29.57 1.26
CA ILE B 284 18.58 -30.25 0.32
C ILE B 284 18.62 -29.56 -1.05
N LEU B 285 18.63 -28.23 -1.04
CA LEU B 285 18.71 -27.43 -2.26
C LEU B 285 19.98 -27.72 -3.08
N ASN B 286 21.10 -27.84 -2.38
CA ASN B 286 22.41 -27.96 -3.02
C ASN B 286 22.88 -29.40 -3.15
N HIS B 287 21.96 -30.35 -2.96
CA HIS B 287 22.23 -31.80 -3.01
C HIS B 287 23.47 -32.25 -2.24
N GLU B 288 23.71 -31.63 -1.09
CA GLU B 288 24.84 -32.00 -0.23
C GLU B 288 24.69 -33.41 0.32
N ASN B 289 25.83 -34.03 0.68
CA ASN B 289 25.81 -35.39 1.23
C ASN B 289 25.28 -35.43 2.67
N ASP B 290 25.05 -36.63 3.19
CA ASP B 290 24.37 -36.83 4.47
C ASP B 290 25.12 -36.32 5.71
N HIS B 291 26.44 -36.50 5.70
CA HIS B 291 27.31 -35.93 6.75
C HIS B 291 27.27 -34.41 6.73
N ASP B 292 27.45 -33.83 5.54
CA ASP B 292 27.40 -32.37 5.32
C ASP B 292 26.09 -31.70 5.71
N LEU B 293 24.98 -32.42 5.59
CA LEU B 293 23.65 -31.91 5.93
C LEU B 293 23.48 -31.84 7.44
N LEU B 294 23.83 -32.94 8.11
CA LEU B 294 23.70 -33.02 9.57
C LEU B 294 24.61 -32.04 10.32
N LYS B 295 25.83 -31.85 9.84
CA LYS B 295 26.73 -30.87 10.43
C LYS B 295 26.18 -29.46 10.22
N LYS B 296 25.78 -29.16 8.98
CA LYS B 296 25.27 -27.83 8.61
C LYS B 296 24.00 -27.46 9.38
N ALA B 297 23.07 -28.41 9.46
CA ALA B 297 21.89 -28.28 10.31
C ALA B 297 22.31 -27.92 11.73
N ASN B 298 23.34 -28.59 12.23
CA ASN B 298 23.76 -28.41 13.61
C ASN B 298 24.60 -27.18 13.86
N THR B 299 25.39 -26.79 12.86
CA THR B 299 26.25 -25.60 12.96
C THR B 299 25.41 -24.32 13.01
N LEU B 300 24.37 -24.25 12.18
CA LEU B 300 23.50 -23.08 12.16
C LEU B 300 22.70 -22.96 13.45
N GLY B 301 22.20 -24.10 13.93
CA GLY B 301 21.50 -24.16 15.21
C GLY B 301 22.33 -23.70 16.40
N LEU B 303 25.21 -21.77 16.14
CA LEU B 303 25.46 -20.36 15.85
C LEU B 303 24.37 -19.44 16.39
N ASN B 304 23.12 -19.80 16.12
CA ASN B 304 21.98 -19.02 16.58
C ASN B 304 21.86 -19.02 18.10
N ALA B 305 22.07 -20.19 18.71
CA ALA B 305 22.09 -20.33 20.16
C ALA B 305 23.14 -19.42 20.84
N GLN B 306 24.21 -19.08 20.12
CA GLN B 306 25.25 -18.17 20.63
C GLN B 306 24.85 -16.70 20.50
N GLU B 307 23.84 -16.44 19.68
CA GLU B 307 23.44 -15.07 19.35
C GLU B 307 22.35 -14.51 20.26
N ALA B 308 22.29 -13.18 20.35
CA ALA B 308 21.20 -12.49 21.03
C ALA B 308 20.00 -12.35 20.10
N GLN B 309 20.28 -12.30 18.80
CA GLN B 309 19.25 -12.12 17.77
C GLN B 309 18.62 -13.45 17.36
N THR B 310 17.31 -13.55 17.57
CA THR B 310 16.51 -14.74 17.21
C THR B 310 16.46 -14.92 15.70
N GLY B 311 16.88 -16.10 15.23
CA GLY B 311 17.04 -16.36 13.80
C GLY B 311 18.15 -15.53 13.18
N TYR B 312 19.32 -15.57 13.83
CA TYR B 312 20.50 -14.87 13.35
C TYR B 312 21.77 -15.68 13.65
N VAL B 313 22.65 -15.75 12.67
CA VAL B 313 23.90 -16.50 12.79
C VAL B 313 25.13 -15.67 12.42
N ASN B 314 26.20 -15.82 13.20
CA ASN B 314 27.50 -15.27 12.84
C ASN B 314 28.29 -16.32 12.06
N LEU B 315 28.40 -16.14 10.75
CA LEU B 315 29.01 -17.14 9.86
C LEU B 315 30.55 -17.11 9.83
N ASN B 316 31.14 -16.25 10.66
CA ASN B 316 32.59 -16.23 10.85
C ASN B 316 33.05 -17.45 11.62
N ASN B 317 32.21 -17.87 12.58
CA ASN B 317 32.49 -19.03 13.43
C ASN B 317 31.95 -20.33 12.85
N TYR B 318 31.36 -20.23 11.65
CA TYR B 318 30.78 -21.38 10.97
C TYR B 318 31.82 -22.49 10.72
N ASP B 319 32.90 -22.15 10.01
CA ASP B 319 33.89 -23.14 9.59
C ASP B 319 34.49 -23.95 10.75
N ASP B 320 34.96 -23.24 11.79
CA ASP B 320 35.56 -23.88 12.97
C ASP B 320 34.60 -24.80 13.72
N LEU B 321 33.35 -24.34 13.90
CA LEU B 321 32.32 -25.15 14.54
C LEU B 321 31.93 -26.38 13.70
N PHE B 322 31.84 -26.16 12.38
CA PHE B 322 31.55 -27.23 11.40
C PHE B 322 32.64 -28.33 11.42
N ASN B 323 33.91 -27.91 11.51
CA ASN B 323 35.06 -28.83 11.51
C ASN B 323 35.24 -29.60 12.83
N GLN B 324 34.62 -29.09 13.90
CA GLN B 324 34.74 -29.74 15.21
C GLN B 324 33.61 -30.73 15.40
N ILE B 325 32.68 -30.76 14.42
CA ILE B 325 31.59 -31.72 14.38
C ILE B 325 32.09 -33.02 13.71
N GLU B 326 31.89 -34.14 14.47
CA GLU B 326 31.99 -35.49 13.93
C GLU B 326 30.60 -36.09 13.68
N VAL B 327 30.52 -36.94 12.66
CA VAL B 327 29.29 -37.66 12.35
C VAL B 327 29.59 -39.17 12.30
N LEU B 328 28.87 -39.92 13.13
CA LEU B 328 29.00 -41.38 13.20
C LEU B 328 27.72 -42.11 12.79
N GLU B 329 27.86 -43.04 11.84
CA GLU B 329 26.85 -44.04 11.57
C GLU B 329 26.85 -45.03 12.73
N VAL B 330 25.69 -45.20 13.37
CA VAL B 330 25.59 -46.02 14.59
C VAL B 330 24.54 -47.18 14.43
N HIS C 20 26.99 23.09 -33.55
CA HIS C 20 26.57 23.50 -32.17
C HIS C 20 25.26 22.83 -31.84
N ILE C 22 23.41 19.59 -29.22
CA ILE C 22 23.36 18.48 -28.27
C ILE C 22 22.59 17.31 -28.90
N LEU C 23 23.12 16.11 -28.76
CA LEU C 23 22.39 14.89 -29.07
C LEU C 23 22.05 14.12 -27.79
N THR C 24 20.77 13.90 -27.55
CA THR C 24 20.35 13.07 -26.42
C THR C 24 20.07 11.65 -26.91
N LEU C 25 20.67 10.68 -26.23
CA LEU C 25 20.45 9.27 -26.53
C LEU C 25 19.55 8.58 -25.52
N THR C 26 18.32 8.32 -25.96
CA THR C 26 17.35 7.54 -25.20
C THR C 26 17.09 6.28 -26.02
N LEU C 27 17.81 5.21 -25.69
CA LEU C 27 17.69 3.94 -26.42
C LEU C 27 16.46 3.14 -25.99
N ASN C 28 15.95 3.41 -24.79
CA ASN C 28 14.73 2.82 -24.28
C ASN C 28 13.72 3.91 -23.85
N PRO C 29 13.17 4.67 -24.81
CA PRO C 29 12.22 5.74 -24.45
C PRO C 29 10.94 5.19 -23.85
N SER C 30 10.24 6.02 -23.09
CA SER C 30 9.02 5.58 -22.42
C SER C 30 7.93 6.63 -22.49
N VAL C 31 6.70 6.17 -22.62
CA VAL C 31 5.54 7.02 -22.34
C VAL C 31 5.29 6.89 -20.85
N ASP C 32 5.72 7.91 -20.11
CA ASP C 32 5.64 7.92 -18.65
C ASP C 32 4.28 8.45 -18.19
N ILE C 33 3.63 7.67 -17.33
CA ILE C 33 2.33 8.04 -16.79
C ILE C 33 2.47 8.35 -15.30
N SER C 34 2.04 9.55 -14.94
CA SER C 34 2.13 10.02 -13.56
C SER C 34 0.73 9.96 -12.92
N TYR C 35 0.64 9.40 -11.72
CA TYR C 35 -0.64 9.29 -11.00
C TYR C 35 -0.47 9.84 -9.58
N PRO C 36 -0.73 11.14 -9.39
CA PRO C 36 -0.87 11.66 -8.03
C PRO C 36 -2.18 11.22 -7.40
N LEU C 37 -2.08 10.41 -6.35
CA LEU C 37 -3.26 9.98 -5.60
C LEU C 37 -3.19 10.61 -4.21
N THR C 38 -4.35 10.81 -3.59
CA THR C 38 -4.40 11.31 -2.21
CA THR C 38 -4.39 11.33 -2.21
C THR C 38 -3.94 10.22 -1.24
N ALA C 39 -4.32 8.99 -1.55
CA ALA C 39 -3.85 7.80 -0.86
C ALA C 39 -3.88 6.66 -1.88
N LEU C 40 -2.90 5.76 -1.86
CA LEU C 40 -2.97 4.57 -2.71
C LEU C 40 -3.82 3.49 -2.03
N LYS C 41 -4.91 3.08 -2.65
CA LYS C 41 -5.71 1.99 -2.08
C LYS C 41 -5.40 0.66 -2.77
N LEU C 42 -4.87 -0.26 -1.96
CA LEU C 42 -4.44 -1.58 -2.40
C LEU C 42 -5.65 -2.49 -2.54
N ASP C 43 -5.59 -3.39 -3.52
CA ASP C 43 -6.69 -4.34 -3.81
C ASP C 43 -8.03 -3.64 -4.04
N ASP C 44 -7.99 -2.45 -4.61
CA ASP C 44 -9.19 -1.69 -4.92
C ASP C 44 -8.96 -0.66 -6.04
N VAL C 45 -10.04 0.03 -6.41
CA VAL C 45 -10.03 0.98 -7.52
CA VAL C 45 -10.02 0.99 -7.52
C VAL C 45 -9.50 2.34 -7.06
N ASN C 46 -8.59 2.91 -7.85
CA ASN C 46 -8.09 4.27 -7.60
C ASN C 46 -8.46 5.18 -8.77
N ARG C 47 -9.41 6.06 -8.54
CA ARG C 47 -9.84 6.95 -9.62
C ARG C 47 -8.92 8.16 -9.70
N VAL C 48 -8.48 8.48 -10.93
CA VAL C 48 -7.68 9.66 -11.26
C VAL C 48 -8.33 10.47 -12.38
N GLN C 49 -7.97 11.75 -12.49
CA GLN C 49 -8.59 12.67 -13.46
C GLN C 49 -7.60 13.44 -14.37
N GLU C 50 -6.48 13.86 -13.81
CA GLU C 50 -5.67 14.92 -14.43
C GLU C 50 -4.41 14.42 -15.08
N VAL C 51 -4.47 13.18 -15.57
CA VAL C 51 -3.29 12.36 -15.89
C VAL C 51 -2.26 12.99 -16.82
N SER C 52 -1.04 13.03 -16.33
CA SER C 52 0.09 13.50 -17.10
C SER C 52 0.81 12.31 -17.75
N LYS C 53 0.85 12.31 -19.07
CA LYS C 53 1.52 11.28 -19.85
C LYS C 53 2.52 11.98 -20.74
N THR C 54 3.80 11.68 -20.55
CA THR C 54 4.84 12.50 -21.18
C THR C 54 5.69 11.65 -22.11
N ALA C 55 6.36 12.34 -23.04
CA ALA C 55 7.51 11.80 -23.75
C ALA C 55 8.61 11.68 -22.72
N GLY C 56 8.89 10.45 -22.32
CA GLY C 56 9.69 10.26 -21.14
C GLY C 56 10.74 9.18 -21.30
N GLY C 57 11.16 8.68 -20.17
CA GLY C 57 12.42 7.98 -20.09
C GLY C 57 13.39 9.09 -19.72
N LYS C 58 14.42 8.72 -18.97
CA LYS C 58 15.36 9.70 -18.45
C LYS C 58 15.84 10.69 -19.50
N GLY C 59 16.23 10.17 -20.66
CA GLY C 59 16.84 10.95 -21.75
C GLY C 59 15.90 11.91 -22.46
N LEU C 60 14.60 11.61 -22.40
CA LEU C 60 13.60 12.53 -22.93
C LEU C 60 13.14 13.53 -21.86
N ASN C 61 13.29 13.18 -20.58
CA ASN C 61 13.19 14.18 -19.48
C ASN C 61 14.29 15.22 -19.63
N VAL C 62 15.50 14.75 -19.94
CA VAL C 62 16.67 15.63 -20.20
C VAL C 62 16.36 16.50 -21.43
N THR C 63 15.97 15.84 -22.52
CA THR C 63 15.61 16.49 -23.78
C THR C 63 14.63 17.64 -23.56
N ARG C 64 13.56 17.36 -22.82
CA ARG C 64 12.52 18.35 -22.63
C ARG C 64 13.01 19.52 -21.81
N VAL C 65 13.90 19.26 -20.86
CA VAL C 65 14.44 20.32 -20.04
C VAL C 65 15.39 21.17 -20.88
N LEU C 66 16.15 20.54 -21.78
CA LEU C 66 17.04 21.27 -22.70
C LEU C 66 16.29 22.17 -23.68
N ALA C 67 15.16 21.68 -24.20
CA ALA C 67 14.27 22.48 -25.03
C ALA C 67 13.81 23.77 -24.34
N GLN C 68 13.43 23.67 -23.07
CA GLN C 68 13.04 24.83 -22.28
C GLN C 68 14.20 25.80 -22.14
N VAL C 69 15.28 25.33 -21.51
CA VAL C 69 16.42 26.20 -21.21
C VAL C 69 16.99 26.89 -22.45
N GLY C 70 16.70 26.33 -23.62
CA GLY C 70 17.00 26.96 -24.91
C GLY C 70 18.21 26.39 -25.63
N GLU C 71 18.46 25.09 -25.49
CA GLU C 71 19.64 24.49 -26.14
C GLU C 71 19.31 23.83 -27.48
N PRO C 72 20.17 24.08 -28.50
CA PRO C 72 20.08 23.37 -29.79
C PRO C 72 20.23 21.86 -29.58
N VAL C 73 19.13 21.14 -29.75
CA VAL C 73 19.01 19.78 -29.23
C VAL C 73 18.30 18.86 -30.21
N LEU C 74 18.90 17.70 -30.44
CA LEU C 74 18.31 16.63 -31.23
C LEU C 74 18.14 15.39 -30.35
N ALA C 75 16.91 14.86 -30.31
CA ALA C 75 16.61 13.62 -29.60
C ALA C 75 16.72 12.41 -30.52
N SER C 76 17.38 11.36 -30.05
CA SER C 76 17.47 10.12 -30.81
C SER C 76 17.35 8.91 -29.88
N GLY C 77 17.21 7.73 -30.49
CA GLY C 77 17.04 6.48 -29.77
C GLY C 77 16.16 5.55 -30.58
N PHE C 78 15.62 4.50 -29.95
CA PHE C 78 14.75 3.57 -30.66
C PHE C 78 13.30 3.84 -30.32
N ILE C 79 12.45 3.90 -31.34
CA ILE C 79 11.00 3.95 -31.13
C ILE C 79 10.25 2.96 -32.00
N GLY C 80 9.12 2.48 -31.48
CA GLY C 80 8.25 1.58 -32.24
C GLY C 80 6.82 1.65 -31.77
N GLY C 81 5.89 1.39 -32.70
CA GLY C 81 4.48 1.26 -32.36
C GLY C 81 3.75 2.55 -32.04
N GLU C 82 2.62 2.39 -31.37
CA GLU C 82 1.70 3.48 -31.06
C GLU C 82 2.32 4.43 -30.04
N LEU C 83 3.07 3.87 -29.11
CA LEU C 83 3.68 4.69 -28.08
C LEU C 83 4.87 5.48 -28.61
N GLY C 84 5.56 4.94 -29.61
CA GLY C 84 6.62 5.68 -30.32
C GLY C 84 6.08 6.90 -31.06
N GLN C 85 4.95 6.69 -31.76
CA GLN C 85 4.21 7.75 -32.43
C GLN C 85 3.71 8.83 -31.45
N PHE C 86 3.26 8.40 -30.28
CA PHE C 86 2.78 9.31 -29.25
C PHE C 86 3.91 10.20 -28.76
N ILE C 87 5.09 9.59 -28.54
CA ILE C 87 6.29 10.31 -28.18
C ILE C 87 6.67 11.33 -29.27
N ALA C 88 6.66 10.90 -30.54
CA ALA C 88 6.95 11.82 -31.65
C ALA C 88 6.01 13.02 -31.61
N LYS C 89 4.72 12.77 -31.35
CA LYS C 89 3.70 13.81 -31.24
C LYS C 89 3.91 14.75 -30.06
N LYS C 90 4.31 14.21 -28.90
CA LYS C 90 4.57 15.05 -27.73
C LYS C 90 5.67 16.06 -28.00
N LEU C 91 6.70 15.61 -28.72
CA LEU C 91 7.87 16.41 -29.07
C LEU C 91 7.69 17.30 -30.30
N ASP C 92 6.97 16.78 -31.31
CA ASP C 92 6.51 17.55 -32.47
C ASP C 92 5.69 18.75 -32.02
N HIS C 93 4.79 18.53 -31.06
CA HIS C 93 3.98 19.61 -30.50
C HIS C 93 4.89 20.66 -29.91
N ALA C 94 5.88 20.21 -29.14
CA ALA C 94 6.69 21.05 -28.29
C ALA C 94 7.92 21.60 -29.00
N ASP C 95 7.91 21.53 -30.34
CA ASP C 95 8.97 22.09 -31.19
C ASP C 95 10.30 21.30 -31.18
N ILE C 96 10.34 20.19 -30.45
CA ILE C 96 11.59 19.49 -30.22
C ILE C 96 11.92 18.54 -31.37
N LYS C 97 13.06 18.78 -31.99
CA LYS C 97 13.61 17.94 -33.06
C LYS C 97 13.98 16.53 -32.60
N HIS C 98 13.79 15.56 -33.49
CA HIS C 98 14.17 14.17 -33.20
CA HIS C 98 14.14 14.16 -33.21
C HIS C 98 14.57 13.40 -34.45
N ALA C 99 15.47 12.43 -34.26
CA ALA C 99 15.94 11.57 -35.35
C ALA C 99 16.02 10.13 -34.87
N PHE C 100 14.84 9.58 -34.56
CA PHE C 100 14.68 8.23 -34.02
C PHE C 100 14.82 7.16 -35.09
N TYR C 101 15.50 6.07 -34.73
CA TYR C 101 15.51 4.85 -35.51
C TYR C 101 14.25 4.04 -35.19
N ASN C 102 13.44 3.72 -36.20
CA ASN C 102 12.22 2.93 -35.99
C ASN C 102 12.57 1.46 -35.90
N ILE C 103 11.98 0.77 -34.94
CA ILE C 103 12.25 -0.65 -34.74
C ILE C 103 10.99 -1.46 -34.98
N LYS C 104 11.15 -2.77 -35.14
CA LYS C 104 10.00 -3.69 -35.23
C LYS C 104 9.23 -3.77 -33.90
N GLY C 105 9.96 -3.64 -32.79
CA GLY C 105 9.38 -3.74 -31.46
C GLY C 105 8.60 -2.51 -31.07
N GLU C 106 8.03 -2.53 -29.86
CA GLU C 106 7.19 -1.43 -29.38
C GLU C 106 7.72 -0.67 -28.16
N THR C 107 7.68 0.66 -28.24
CA THR C 107 7.96 1.56 -27.13
C THR C 107 7.05 1.27 -25.93
N ARG C 108 7.64 1.37 -24.74
CA ARG C 108 6.99 1.01 -23.49
C ARG C 108 6.32 2.19 -22.81
N ASN C 109 5.61 1.86 -21.73
CA ASN C 109 5.13 2.78 -20.72
C ASN C 109 5.97 2.59 -19.45
N CYS C 110 5.98 3.60 -18.60
CA CYS C 110 6.37 3.43 -17.21
C CYS C 110 5.31 4.18 -16.41
N ILE C 111 5.07 3.70 -15.19
CA ILE C 111 4.04 4.24 -14.29
C ILE C 111 4.75 4.85 -13.10
N ALA C 112 4.31 6.01 -12.66
CA ALA C 112 4.73 6.52 -11.35
C ALA C 112 3.50 6.88 -10.51
N ILE C 113 3.33 6.20 -9.39
CA ILE C 113 2.23 6.46 -8.47
C ILE C 113 2.78 7.34 -7.38
N LEU C 114 2.28 8.58 -7.29
CA LEU C 114 2.73 9.53 -6.28
C LEU C 114 1.66 9.59 -5.22
N HIS C 115 2.01 9.18 -4.01
CA HIS C 115 1.02 8.99 -2.95
C HIS C 115 1.64 9.17 -1.56
N GLU C 116 1.17 10.20 -0.86
CA GLU C 116 1.56 10.50 0.51
C GLU C 116 3.08 10.56 0.74
N GLY C 117 3.79 11.15 -0.20
CA GLY C 117 5.24 11.33 -0.11
C GLY C 117 6.04 10.12 -0.58
N GLN C 118 5.35 9.15 -1.16
CA GLN C 118 5.98 7.95 -1.68
C GLN C 118 5.93 7.99 -3.21
N GLN C 119 6.94 7.41 -3.84
CA GLN C 119 6.98 7.30 -5.27
C GLN C 119 7.10 5.82 -5.57
N THR C 120 6.02 5.25 -6.08
CA THR C 120 5.96 3.82 -6.38
C THR C 120 5.93 3.69 -7.88
N GLU C 121 6.99 3.11 -8.42
CA GLU C 121 7.14 3.06 -9.87
C GLU C 121 7.11 1.65 -10.44
N ILE C 122 6.46 1.55 -11.59
CA ILE C 122 6.50 0.35 -12.36
C ILE C 122 7.22 0.65 -13.68
N LEU C 123 8.33 -0.04 -13.92
CA LEU C 123 9.12 0.19 -15.13
C LEU C 123 9.08 -1.06 -16.01
N GLU C 124 8.65 -0.87 -17.25
CA GLU C 124 8.58 -1.97 -18.20
C GLU C 124 9.98 -2.17 -18.81
N GLN C 125 10.34 -3.42 -19.08
CA GLN C 125 11.61 -3.77 -19.67
C GLN C 125 11.80 -3.09 -21.03
N GLY C 126 10.75 -3.14 -21.85
CA GLY C 126 10.78 -2.50 -23.16
C GLY C 126 11.05 -3.46 -24.30
N PRO C 127 11.24 -2.93 -25.52
CA PRO C 127 11.39 -3.74 -26.72
C PRO C 127 12.76 -4.42 -26.83
N GLU C 128 12.80 -5.58 -27.47
CA GLU C 128 14.09 -6.19 -27.81
C GLU C 128 14.59 -5.62 -29.12
N ILE C 129 15.84 -5.19 -29.13
CA ILE C 129 16.50 -4.69 -30.33
C ILE C 129 17.21 -5.85 -31.02
N ASP C 130 17.00 -6.00 -32.33
CA ASP C 130 17.65 -7.08 -33.07
C ASP C 130 18.93 -6.60 -33.78
N ASN C 131 19.78 -7.56 -34.15
CA ASN C 131 21.13 -7.28 -34.69
C ASN C 131 21.19 -6.23 -35.81
N GLN C 132 20.21 -6.31 -36.71
CA GLN C 132 20.03 -5.36 -37.81
C GLN C 132 19.85 -3.94 -37.29
N GLU C 133 18.94 -3.79 -36.33
CA GLU C 133 18.63 -2.51 -35.69
C GLU C 133 19.79 -1.98 -34.83
N ALA C 134 20.37 -2.89 -34.03
CA ALA C 134 21.55 -2.59 -33.22
C ALA C 134 22.67 -2.01 -34.07
N ALA C 135 23.00 -2.68 -35.18
CA ALA C 135 24.05 -2.21 -36.09
C ALA C 135 23.57 -1.04 -36.95
N GLY C 136 22.28 -1.02 -37.28
CA GLY C 136 21.68 0.07 -38.06
C GLY C 136 21.82 1.42 -37.37
N PHE C 137 21.55 1.44 -36.07
CA PHE C 137 21.59 2.65 -35.26
C PHE C 137 23.01 3.19 -35.03
N ILE C 138 23.98 2.30 -34.90
CA ILE C 138 25.39 2.72 -34.82
C ILE C 138 25.77 3.57 -36.04
N LYS C 139 25.29 3.16 -37.22
CA LYS C 139 25.53 3.91 -38.46
C LYS C 139 24.73 5.22 -38.45
N HIS C 140 23.46 5.15 -38.04
CA HIS C 140 22.62 6.33 -37.88
C HIS C 140 23.27 7.31 -36.91
N PHE C 141 23.70 6.79 -35.76
CA PHE C 141 24.43 7.56 -34.75
C PHE C 141 25.69 8.20 -35.32
N GLU C 142 26.51 7.41 -36.02
CA GLU C 142 27.71 7.89 -36.71
C GLU C 142 27.44 9.13 -37.55
N GLN C 143 26.27 9.17 -38.21
CA GLN C 143 25.83 10.33 -39.00
C GLN C 143 25.44 11.52 -38.11
N LEU C 144 24.79 11.22 -36.98
CA LEU C 144 24.31 12.24 -36.05
C LEU C 144 25.47 12.87 -35.30
N LEU C 145 26.44 12.02 -34.96
CA LEU C 145 27.70 12.44 -34.34
C LEU C 145 28.40 13.54 -35.15
N GLU C 146 28.21 13.52 -36.47
CA GLU C 146 28.84 14.49 -37.38
C GLU C 146 28.41 15.95 -37.16
N LYS C 147 27.21 16.16 -36.65
CA LYS C 147 26.65 17.51 -36.48
C LYS C 147 26.45 17.91 -35.01
N VAL C 148 27.22 17.28 -34.12
CA VAL C 148 27.09 17.52 -32.68
C VAL C 148 28.42 17.69 -31.94
N GLU C 149 28.40 18.55 -30.92
CA GLU C 149 29.57 18.78 -30.06
C GLU C 149 29.37 18.17 -28.68
N ALA C 150 28.22 17.53 -28.45
CA ALA C 150 27.93 16.87 -27.16
C ALA C 150 26.79 15.86 -27.25
N VAL C 151 26.97 14.73 -26.56
CA VAL C 151 25.96 13.68 -26.53
C VAL C 151 25.64 13.37 -25.07
N ALA C 152 24.36 13.45 -24.72
CA ALA C 152 23.91 13.05 -23.38
C ALA C 152 23.29 11.67 -23.47
N ILE C 153 23.90 10.72 -22.77
CA ILE C 153 23.41 9.35 -22.75
C ILE C 153 22.75 9.08 -21.39
N SER C 154 21.49 8.67 -21.42
CA SER C 154 20.73 8.44 -20.20
C SER C 154 20.07 7.07 -20.15
N GLY C 155 20.13 6.43 -18.99
CA GLY C 155 19.39 5.19 -18.75
C GLY C 155 20.11 3.95 -19.25
N SER C 156 19.56 2.80 -18.90
CA SER C 156 20.15 1.52 -19.26
C SER C 156 19.87 1.14 -20.72
N LEU C 157 20.61 0.16 -21.22
CA LEU C 157 20.39 -0.35 -22.58
C LEU C 157 19.14 -1.24 -22.68
N PRO C 158 18.33 -1.06 -23.73
CA PRO C 158 17.23 -2.00 -23.95
C PRO C 158 17.72 -3.43 -24.19
N LYS C 159 16.80 -4.38 -24.09
CA LYS C 159 17.05 -5.79 -24.31
C LYS C 159 17.60 -6.01 -25.73
N GLY C 160 18.51 -6.98 -25.86
CA GLY C 160 19.01 -7.42 -27.17
C GLY C 160 20.29 -6.75 -27.60
N LEU C 161 20.64 -5.65 -26.93
CA LEU C 161 21.88 -4.97 -27.22
C LEU C 161 23.05 -5.66 -26.50
N ASN C 162 24.22 -5.66 -27.15
CA ASN C 162 25.44 -6.16 -26.53
C ASN C 162 25.86 -5.20 -25.40
N GLN C 163 26.46 -5.74 -24.35
CA GLN C 163 26.78 -4.95 -23.15
C GLN C 163 27.75 -3.80 -23.42
N ASP C 164 28.62 -3.98 -24.42
CA ASP C 164 29.63 -2.99 -24.78
C ASP C 164 29.07 -1.83 -25.63
N TYR C 165 27.75 -1.78 -25.78
CA TYR C 165 27.09 -0.86 -26.73
C TYR C 165 27.22 0.63 -26.41
N TYR C 166 27.24 1.00 -25.13
CA TYR C 166 27.56 2.38 -24.76
C TYR C 166 29.05 2.68 -24.99
N ALA C 167 29.89 1.71 -24.64
CA ALA C 167 31.32 1.78 -24.93
C ALA C 167 31.57 1.98 -26.42
N GLN C 168 30.82 1.27 -27.27
CA GLN C 168 30.93 1.39 -28.72
C GLN C 168 30.49 2.78 -29.15
N ILE C 169 29.44 3.28 -28.49
CA ILE C 169 28.93 4.63 -28.74
C ILE C 169 29.96 5.69 -28.33
N ILE C 170 30.43 5.63 -27.08
CA ILE C 170 31.42 6.58 -26.55
C ILE C 170 32.73 6.55 -27.32
N GLU C 171 33.13 5.35 -27.77
CA GLU C 171 34.34 5.19 -28.57
C GLU C 171 34.31 6.09 -29.80
N ARG C 172 33.16 6.10 -30.48
CA ARG C 172 32.97 6.91 -31.68
C ARG C 172 32.94 8.39 -31.32
N CYS C 173 32.26 8.72 -30.22
CA CYS C 173 32.28 10.08 -29.66
C CYS C 173 33.71 10.59 -29.34
N GLN C 174 34.54 9.71 -28.76
CA GLN C 174 35.93 10.06 -28.44
C GLN C 174 36.75 10.30 -29.70
N ASN C 175 36.55 9.45 -30.70
CA ASN C 175 37.20 9.57 -32.01
C ASN C 175 36.92 10.90 -32.72
N LYS C 176 35.80 11.55 -32.35
CA LYS C 176 35.36 12.77 -33.01
C LYS C 176 35.55 14.06 -32.17
N GLY C 177 36.22 13.91 -31.01
CA GLY C 177 36.32 15.01 -30.04
C GLY C 177 34.97 15.50 -29.53
N VAL C 178 34.02 14.57 -29.37
CA VAL C 178 32.66 14.90 -28.92
C VAL C 178 32.42 14.44 -27.47
N PRO C 179 32.17 15.39 -26.56
CA PRO C 179 32.02 15.12 -25.12
C PRO C 179 30.71 14.42 -24.76
N VAL C 180 30.81 13.43 -23.86
CA VAL C 180 29.68 12.65 -23.39
C VAL C 180 29.37 12.99 -21.92
N ILE C 181 28.12 13.38 -21.66
CA ILE C 181 27.60 13.41 -20.29
C ILE C 181 26.78 12.14 -20.09
N LEU C 182 27.23 11.32 -19.16
CA LEU C 182 26.67 9.99 -18.97
C LEU C 182 25.89 9.87 -17.66
N ASP C 183 24.58 9.65 -17.79
CA ASP C 183 23.75 9.30 -16.64
C ASP C 183 23.21 7.87 -16.74
N CYS C 184 23.97 6.94 -16.16
CA CYS C 184 23.50 5.57 -15.95
C CYS C 184 24.12 5.00 -14.69
N SER C 185 23.61 3.84 -14.24
CA SER C 185 24.00 3.28 -12.96
C SER C 185 24.33 1.78 -13.03
N GLY C 186 24.68 1.21 -11.88
CA GLY C 186 24.92 -0.22 -11.75
C GLY C 186 25.90 -0.79 -12.77
N ALA C 187 25.54 -1.94 -13.34
CA ALA C 187 26.41 -2.66 -14.29
C ALA C 187 26.61 -1.90 -15.60
N THR C 188 25.56 -1.19 -16.02
CA THR C 188 25.60 -0.32 -17.19
C THR C 188 26.68 0.77 -17.08
N LEU C 189 26.80 1.37 -15.90
CA LEU C 189 27.87 2.34 -15.65
C LEU C 189 29.22 1.66 -15.45
N GLN C 190 29.20 0.47 -14.86
CA GLN C 190 30.44 -0.25 -14.53
C GLN C 190 31.08 -0.92 -15.75
N THR C 191 30.30 -1.19 -16.79
CA THR C 191 30.82 -1.59 -18.10
C THR C 191 31.61 -0.45 -18.74
N VAL C 192 31.07 0.77 -18.64
CA VAL C 192 31.71 1.95 -19.24
C VAL C 192 32.95 2.42 -18.47
N LEU C 193 33.08 2.04 -17.20
CA LEU C 193 34.24 2.40 -16.41
C LEU C 193 35.41 1.46 -16.64
N GLU C 194 35.11 0.17 -16.82
CA GLU C 194 36.14 -0.85 -17.11
C GLU C 194 36.63 -0.77 -18.55
N ASN C 195 35.80 -0.22 -19.43
CA ASN C 195 36.13 -0.10 -20.85
C ASN C 195 37.08 1.09 -21.09
N PRO C 196 37.98 0.97 -22.07
CA PRO C 196 38.98 2.02 -22.33
C PRO C 196 38.41 3.39 -22.73
N TYR C 197 37.27 3.41 -23.39
CA TYR C 197 36.69 4.65 -23.91
C TYR C 197 35.75 5.30 -22.91
N LYS C 198 36.11 6.52 -22.50
CA LYS C 198 35.57 7.14 -21.29
C LYS C 198 34.76 8.42 -21.53
N PRO C 199 33.74 8.68 -20.66
CA PRO C 199 32.87 9.85 -20.74
C PRO C 199 33.48 11.11 -20.12
N THR C 200 32.93 12.27 -20.48
CA THR C 200 33.42 13.57 -20.02
C THR C 200 32.92 13.84 -18.60
N VAL C 201 31.63 13.60 -18.39
CA VAL C 201 30.97 13.78 -17.10
C VAL C 201 30.23 12.51 -16.68
N ILE C 202 30.48 12.08 -15.46
CA ILE C 202 29.58 11.13 -14.79
C ILE C 202 29.01 11.77 -13.52
N LYS C 203 27.93 11.19 -13.00
CA LYS C 203 27.26 11.79 -11.85
C LYS C 203 26.54 10.78 -10.93
N PRO C 204 27.31 9.83 -10.35
CA PRO C 204 26.68 8.97 -9.36
C PRO C 204 26.45 9.74 -8.06
N ASN C 205 25.36 9.44 -7.36
CA ASN C 205 25.19 10.00 -6.01
C ASN C 205 26.15 9.31 -5.04
N ILE C 206 26.17 9.74 -3.78
CA ILE C 206 27.12 9.22 -2.79
C ILE C 206 26.99 7.72 -2.55
N SER C 207 25.75 7.21 -2.57
CA SER C 207 25.48 5.80 -2.40
C SER C 207 26.11 5.01 -3.54
N GLU C 208 25.79 5.44 -4.77
CA GLU C 208 26.31 4.83 -5.99
C GLU C 208 27.84 4.92 -6.11
N LEU C 209 28.42 6.07 -5.77
CA LEU C 209 29.87 6.27 -5.81
C LEU C 209 30.63 5.19 -5.04
N TYR C 210 30.18 4.92 -3.81
CA TYR C 210 30.81 3.94 -2.94
C TYR C 210 30.43 2.50 -3.29
N GLN C 211 29.19 2.34 -3.77
CA GLN C 211 28.71 1.08 -4.36
C GLN C 211 29.65 0.58 -5.47
N LEU C 212 29.97 1.46 -6.41
CA LEU C 212 30.85 1.15 -7.54
C LEU C 212 32.24 0.68 -7.11
N LEU C 213 32.65 1.08 -5.92
CA LEU C 213 33.98 0.77 -5.38
C LEU C 213 33.97 -0.36 -4.34
N ASN C 214 32.77 -0.88 -4.03
CA ASN C 214 32.56 -1.87 -2.97
C ASN C 214 33.03 -1.40 -1.57
N GLN C 215 33.14 -0.08 -1.43
CA GLN C 215 33.53 0.56 -0.18
C GLN C 215 32.30 0.91 0.65
N PRO C 216 32.42 0.93 1.99
CA PRO C 216 31.32 1.38 2.84
C PRO C 216 31.06 2.89 2.66
N LEU C 217 29.85 3.32 3.05
CA LEU C 217 29.48 4.73 2.93
C LEU C 217 30.20 5.60 3.96
N ASP C 218 30.89 6.64 3.46
CA ASP C 218 31.50 7.66 4.31
C ASP C 218 31.16 9.04 3.73
N GLU C 219 30.61 9.90 4.58
CA GLU C 219 30.20 11.24 4.16
C GLU C 219 31.34 12.26 4.18
N SER C 220 32.40 11.97 4.92
CA SER C 220 33.50 12.94 5.12
C SER C 220 34.25 13.31 3.85
N LEU C 221 34.84 14.50 3.86
CA LEU C 221 35.52 15.09 2.70
C LEU C 221 36.67 14.25 2.13
N GLU C 222 37.61 13.85 2.99
CA GLU C 222 38.82 13.16 2.55
C GLU C 222 38.54 11.78 1.99
N SER C 223 37.47 11.15 2.48
CA SER C 223 37.02 9.88 1.94
C SER C 223 36.45 10.07 0.54
N LEU C 224 35.64 11.12 0.37
CA LEU C 224 35.04 11.47 -0.90
C LEU C 224 36.10 11.87 -1.93
N LYS C 225 37.12 12.59 -1.48
CA LYS C 225 38.24 12.94 -2.33
C LYS C 225 38.95 11.67 -2.82
N GLN C 226 39.21 10.74 -1.89
CA GLN C 226 39.82 9.46 -2.19
C GLN C 226 39.00 8.57 -3.13
N ALA C 227 37.69 8.60 -2.98
CA ALA C 227 36.79 7.74 -3.74
C ALA C 227 36.71 8.16 -5.20
N VAL C 228 36.60 9.48 -5.40
CA VAL C 228 36.45 10.09 -6.72
C VAL C 228 37.75 10.07 -7.53
N SER C 229 38.88 9.96 -6.82
CA SER C 229 40.22 9.91 -7.43
C SER C 229 40.72 8.49 -7.73
N GLN C 230 39.91 7.48 -7.40
CA GLN C 230 40.26 6.07 -7.64
C GLN C 230 40.38 5.71 -9.14
N PRO C 231 41.35 4.84 -9.49
CA PRO C 231 41.56 4.38 -10.88
C PRO C 231 40.31 3.93 -11.67
N LEU C 232 39.22 3.61 -10.97
CA LEU C 232 37.96 3.23 -11.64
C LEU C 232 37.34 4.40 -12.41
N PHE C 233 37.54 5.61 -11.89
CA PHE C 233 37.01 6.83 -12.49
C PHE C 233 38.11 7.62 -13.21
N GLU C 234 39.07 6.89 -13.77
CA GLU C 234 40.16 7.45 -14.58
C GLU C 234 39.63 8.13 -15.84
N GLY C 235 40.34 9.17 -16.29
CA GLY C 235 40.07 9.81 -17.58
C GLY C 235 38.75 10.55 -17.72
N ILE C 236 38.01 10.68 -16.63
CA ILE C 236 36.75 11.42 -16.63
C ILE C 236 36.97 12.81 -16.06
N GLU C 237 36.75 13.82 -16.90
CA GLU C 237 36.95 15.24 -16.57
C GLU C 237 36.15 15.68 -15.34
N TRP C 238 34.87 15.29 -15.32
CA TRP C 238 33.89 15.74 -14.34
C TRP C 238 33.22 14.56 -13.63
N ILE C 239 33.26 14.54 -12.31
CA ILE C 239 32.49 13.58 -11.52
C ILE C 239 31.68 14.39 -10.49
N ILE C 240 30.35 14.37 -10.64
CA ILE C 240 29.47 15.23 -9.83
C ILE C 240 28.57 14.40 -8.91
N VAL C 241 28.91 14.42 -7.62
CA VAL C 241 28.33 13.49 -6.66
C VAL C 241 27.34 14.21 -5.74
N SER C 242 26.05 13.94 -5.96
CA SER C 242 24.98 14.47 -5.13
C SER C 242 25.06 13.91 -3.71
N LEU C 243 24.95 14.77 -2.71
CA LEU C 243 25.00 14.35 -1.31
C LEU C 243 23.58 14.11 -0.76
N GLY C 244 22.64 14.92 -1.23
CA GLY C 244 21.24 14.78 -0.85
C GLY C 244 20.57 16.14 -0.90
N ALA C 245 19.92 16.50 0.20
CA ALA C 245 19.34 17.83 0.35
C ALA C 245 20.42 18.87 0.65
N GLN C 246 21.59 18.42 1.11
CA GLN C 246 22.66 19.34 1.52
C GLN C 246 23.54 19.85 0.38
N GLY C 247 23.40 19.24 -0.81
CA GLY C 247 24.14 19.65 -1.97
C GLY C 247 24.95 18.54 -2.60
N ALA C 248 26.15 18.90 -3.07
CA ALA C 248 26.95 17.98 -3.88
C ALA C 248 28.46 18.06 -3.59
N PHE C 249 29.18 17.03 -4.04
CA PHE C 249 30.63 17.03 -4.06
C PHE C 249 31.04 16.85 -5.54
N ALA C 250 32.05 17.60 -5.97
CA ALA C 250 32.48 17.52 -7.37
C ALA C 250 34.00 17.52 -7.53
N LYS C 251 34.45 16.89 -8.60
CA LYS C 251 35.84 16.93 -9.01
C LYS C 251 35.90 17.27 -10.49
N HIS C 252 36.58 18.37 -10.80
CA HIS C 252 36.84 18.72 -12.18
C HIS C 252 38.34 18.76 -12.39
N ASN C 253 38.83 17.82 -13.18
CA ASN C 253 40.26 17.54 -13.33
C ASN C 253 40.96 17.46 -11.97
N HIS C 254 41.77 18.46 -11.63
CA HIS C 254 42.56 18.44 -10.38
C HIS C 254 41.93 19.21 -9.20
N THR C 255 40.71 19.71 -9.41
CA THR C 255 40.04 20.57 -8.43
C THR C 255 38.88 19.83 -7.78
N PHE C 256 38.70 20.02 -6.47
CA PHE C 256 37.56 19.45 -5.74
C PHE C 256 36.61 20.54 -5.27
N TYR C 257 35.33 20.30 -5.43
CA TYR C 257 34.31 21.27 -5.03
C TYR C 257 33.29 20.70 -4.05
N ARG C 258 32.88 21.52 -3.11
CA ARG C 258 31.65 21.28 -2.36
C ARG C 258 30.61 22.28 -2.86
N VAL C 259 29.37 21.81 -3.03
CA VAL C 259 28.27 22.67 -3.42
C VAL C 259 27.24 22.68 -2.29
N ASN C 260 26.96 23.87 -1.76
CA ASN C 260 26.02 24.03 -0.65
C ASN C 260 24.72 24.65 -1.13
N ILE C 261 23.67 23.82 -1.22
CA ILE C 261 22.36 24.25 -1.72
C ILE C 261 21.41 24.62 -0.56
N PRO C 262 20.45 25.55 -0.81
CA PRO C 262 19.53 25.97 0.25
C PRO C 262 18.52 24.89 0.66
N THR C 263 17.91 25.03 1.84
CA THR C 263 17.01 24.00 2.36
C THR C 263 15.56 24.15 1.88
N ILE C 264 15.20 23.37 0.86
CA ILE C 264 13.84 23.36 0.30
C ILE C 264 12.89 22.51 1.14
N PRO C 269 10.03 15.23 -7.61
CA PRO C 269 10.97 14.15 -7.28
C PRO C 269 11.38 13.32 -8.50
N VAL C 270 10.40 12.98 -9.34
CA VAL C 270 10.62 12.12 -10.50
C VAL C 270 11.39 12.89 -11.56
N GLY C 271 12.58 12.39 -11.89
CA GLY C 271 13.36 12.91 -13.01
C GLY C 271 14.28 14.08 -12.72
N SER C 272 14.63 14.31 -11.46
CA SER C 272 15.47 15.47 -11.11
C SER C 272 16.95 15.26 -11.43
N GLY C 273 17.37 13.99 -11.52
CA GLY C 273 18.70 13.62 -12.04
C GLY C 273 18.82 13.99 -13.51
N ASP C 274 17.69 13.93 -14.22
CA ASP C 274 17.61 14.25 -15.63
C ASP C 274 17.76 15.74 -15.90
N SER C 275 17.17 16.55 -15.02
CA SER C 275 17.24 17.99 -15.10
C SER C 275 18.64 18.46 -14.76
N THR C 276 19.29 17.72 -13.86
CA THR C 276 20.69 17.94 -13.51
C THR C 276 21.57 17.76 -14.75
N VAL C 277 21.32 16.69 -15.50
CA VAL C 277 22.04 16.38 -16.75
C VAL C 277 21.83 17.46 -17.81
N ALA C 278 20.62 17.97 -17.88
CA ALA C 278 20.30 19.06 -18.79
C ALA C 278 21.14 20.29 -18.43
N GLY C 279 21.21 20.63 -17.15
CA GLY C 279 22.10 21.70 -16.68
C GLY C 279 23.58 21.48 -17.03
N ILE C 280 24.08 20.27 -16.77
CA ILE C 280 25.48 19.93 -17.06
C ILE C 280 25.75 20.00 -18.56
N THR C 281 24.85 19.44 -19.37
CA THR C 281 25.05 19.36 -20.82
C THR C 281 24.99 20.74 -21.47
N SER C 282 24.06 21.57 -20.98
CA SER C 282 23.98 22.97 -21.42
C SER C 282 25.32 23.68 -21.20
N ALA C 283 25.92 23.45 -20.04
CA ALA C 283 27.20 24.07 -19.67
C ALA C 283 28.40 23.57 -20.48
N ILE C 284 28.46 22.25 -20.73
CA ILE C 284 29.56 21.64 -21.50
C ILE C 284 29.66 22.22 -22.90
N LEU C 285 28.51 22.33 -23.58
CA LEU C 285 28.43 22.79 -24.95
C LEU C 285 28.82 24.26 -25.14
N ASN C 286 28.42 25.10 -24.18
CA ASN C 286 28.69 26.54 -24.21
C ASN C 286 29.93 26.96 -23.42
N HIS C 287 30.69 25.97 -22.95
CA HIS C 287 32.00 26.19 -22.30
C HIS C 287 31.95 27.11 -21.06
N GLU C 288 31.03 26.81 -20.14
CA GLU C 288 30.92 27.56 -18.88
C GLU C 288 32.00 27.15 -17.90
N ASN C 289 32.41 28.08 -17.03
CA ASN C 289 33.36 27.77 -15.96
C ASN C 289 32.81 26.72 -14.96
N ASP C 290 33.62 26.37 -13.96
CA ASP C 290 33.24 25.32 -13.01
C ASP C 290 32.11 25.71 -12.07
N HIS C 291 32.20 26.91 -11.50
CA HIS C 291 31.16 27.42 -10.60
C HIS C 291 29.81 27.52 -11.31
N ASP C 292 29.82 28.02 -12.55
CA ASP C 292 28.61 28.20 -13.36
C ASP C 292 27.96 26.88 -13.78
N LEU C 293 28.77 25.84 -13.96
CA LEU C 293 28.29 24.51 -14.37
C LEU C 293 27.65 23.80 -13.18
N LEU C 294 28.20 24.01 -11.99
CA LEU C 294 27.72 23.37 -10.78
C LEU C 294 26.44 24.00 -10.22
N LYS C 295 26.36 25.33 -10.29
CA LYS C 295 25.19 26.07 -9.85
C LYS C 295 23.97 25.82 -10.76
N LYS C 296 24.21 25.81 -12.07
CA LYS C 296 23.17 25.54 -13.08
C LYS C 296 22.66 24.10 -12.98
N ALA C 297 23.59 23.18 -12.78
CA ALA C 297 23.27 21.75 -12.63
C ALA C 297 22.39 21.50 -11.41
N ASN C 298 22.78 22.08 -10.27
CA ASN C 298 22.03 21.91 -9.03
C ASN C 298 20.74 22.68 -8.97
N THR C 299 20.71 23.84 -9.61
CA THR C 299 19.51 24.68 -9.61
C THR C 299 18.35 23.98 -10.32
N LEU C 300 18.61 23.48 -11.53
CA LEU C 300 17.59 22.77 -12.30
C LEU C 300 17.24 21.45 -11.64
N GLY C 301 18.16 20.92 -10.84
CA GLY C 301 17.93 19.72 -10.03
C GLY C 301 16.87 19.93 -8.97
N LEU C 303 14.67 22.60 -8.86
CA LEU C 303 13.47 23.15 -9.49
C LEU C 303 12.53 22.06 -9.98
N ASN C 304 13.09 20.98 -10.53
CA ASN C 304 12.27 19.85 -10.96
C ASN C 304 11.61 19.13 -9.77
N ALA C 305 12.35 18.99 -8.67
CA ALA C 305 11.92 18.21 -7.52
C ALA C 305 10.92 18.93 -6.63
N THR C 310 7.01 15.91 -14.67
CA THR C 310 8.29 15.22 -14.86
C THR C 310 9.06 15.84 -16.02
N GLY C 311 10.32 16.20 -15.77
CA GLY C 311 11.16 16.82 -16.78
C GLY C 311 10.59 18.16 -17.17
N TYR C 312 10.53 19.06 -16.18
CA TYR C 312 9.90 20.37 -16.33
C TYR C 312 10.32 21.28 -15.19
N VAL C 313 10.69 22.51 -15.53
CA VAL C 313 11.18 23.49 -14.55
C VAL C 313 10.48 24.83 -14.68
N ASN C 314 10.32 25.53 -13.56
CA ASN C 314 9.81 26.89 -13.53
C ASN C 314 11.00 27.87 -13.53
N LEU C 315 11.40 28.28 -14.73
CA LEU C 315 12.60 29.11 -14.90
C LEU C 315 12.44 30.49 -14.27
N ASN C 316 11.24 30.76 -13.74
CA ASN C 316 10.96 31.95 -12.94
C ASN C 316 11.78 31.98 -11.64
N ASN C 317 11.89 30.83 -10.98
CA ASN C 317 12.60 30.76 -9.70
C ASN C 317 14.06 30.30 -9.79
N TYR C 318 14.59 30.32 -11.01
CA TYR C 318 15.96 29.89 -11.29
C TYR C 318 17.00 30.80 -10.62
N ASP C 319 16.89 32.10 -10.86
CA ASP C 319 17.85 33.08 -10.33
C ASP C 319 17.92 33.14 -8.81
N ASP C 320 16.78 32.96 -8.15
CA ASP C 320 16.67 33.04 -6.68
C ASP C 320 17.33 31.87 -5.96
N LEU C 321 17.35 30.70 -6.60
CA LEU C 321 18.05 29.54 -6.06
C LEU C 321 19.51 29.52 -6.53
N PHE C 322 19.73 29.94 -7.78
CA PHE C 322 21.07 30.02 -8.37
C PHE C 322 21.99 30.88 -7.50
N ASN C 323 21.57 32.12 -7.25
CA ASN C 323 22.31 33.06 -6.40
C ASN C 323 22.51 32.56 -4.96
N GLN C 324 21.58 31.72 -4.50
CA GLN C 324 21.58 31.20 -3.13
C GLN C 324 22.54 30.02 -2.93
N ILE C 325 23.00 29.44 -4.04
CA ILE C 325 23.89 28.28 -4.02
C ILE C 325 25.36 28.69 -3.89
N GLU C 326 26.02 28.12 -2.88
CA GLU C 326 27.45 28.38 -2.63
C GLU C 326 28.34 27.25 -3.16
N VAL C 327 29.32 27.65 -3.98
CA VAL C 327 30.35 26.73 -4.47
C VAL C 327 31.67 27.10 -3.79
N LEU C 328 32.33 26.09 -3.23
CA LEU C 328 33.62 26.29 -2.58
C LEU C 328 34.63 25.25 -3.02
N GLU C 329 35.84 25.73 -3.36
CA GLU C 329 36.96 24.84 -3.64
C GLU C 329 37.32 24.12 -2.34
N VAL C 330 36.80 22.91 -2.20
CA VAL C 330 36.89 22.16 -0.96
C VAL C 330 37.64 20.86 -1.24
N GLY D 13 -20.17 -20.51 -45.45
CA GLY D 13 -21.22 -20.04 -46.40
C GLY D 13 -21.06 -18.56 -46.71
N LEU D 14 -22.14 -17.91 -47.09
CA LEU D 14 -22.13 -16.49 -47.45
C LEU D 14 -21.97 -15.59 -46.24
N VAL D 15 -21.27 -14.46 -46.43
CA VAL D 15 -21.29 -13.37 -45.47
C VAL D 15 -22.68 -12.71 -45.56
N PRO D 16 -23.44 -12.72 -44.45
CA PRO D 16 -24.81 -12.21 -44.43
C PRO D 16 -24.88 -10.71 -44.74
N ARG D 17 -25.98 -10.30 -45.37
CA ARG D 17 -26.24 -8.89 -45.70
C ARG D 17 -27.34 -8.26 -44.81
N GLY D 18 -27.88 -9.03 -43.87
CA GLY D 18 -29.04 -8.58 -43.11
C GLY D 18 -28.77 -7.78 -41.84
N SER D 19 -29.64 -7.94 -40.85
CA SER D 19 -29.51 -7.23 -39.59
C SER D 19 -29.26 -8.15 -38.38
N HIS D 20 -29.04 -9.43 -38.65
CA HIS D 20 -28.88 -10.40 -37.57
C HIS D 20 -27.51 -10.26 -36.93
N ILE D 22 -25.54 -8.15 -33.22
CA ILE D 22 -25.57 -7.37 -31.99
C ILE D 22 -24.62 -6.17 -32.15
N LEU D 23 -25.02 -5.01 -31.65
CA LEU D 23 -24.11 -3.90 -31.51
C LEU D 23 -23.85 -3.72 -30.03
N THR D 24 -22.57 -3.75 -29.65
CA THR D 24 -22.15 -3.36 -28.32
C THR D 24 -21.67 -1.90 -28.35
N LEU D 25 -21.97 -1.16 -27.30
CA LEU D 25 -21.46 0.18 -27.14
C LEU D 25 -20.48 0.20 -25.97
N THR D 26 -19.33 0.80 -26.21
CA THR D 26 -18.32 1.08 -25.20
C THR D 26 -17.93 2.51 -25.49
N LEU D 27 -18.62 3.43 -24.86
CA LEU D 27 -18.36 4.85 -25.07
C LEU D 27 -17.04 5.32 -24.47
N ASN D 28 -16.54 4.63 -23.46
CA ASN D 28 -15.24 4.93 -22.83
C ASN D 28 -14.37 3.65 -22.71
N PRO D 29 -13.77 3.21 -23.84
CA PRO D 29 -12.89 2.05 -23.77
C PRO D 29 -11.54 2.47 -23.22
N SER D 30 -10.72 1.49 -22.83
CA SER D 30 -9.40 1.79 -22.33
C SER D 30 -8.39 0.82 -22.91
N VAL D 31 -7.14 1.26 -22.91
CA VAL D 31 -6.05 0.35 -23.13
C VAL D 31 -5.67 -0.04 -21.72
N ASP D 32 -6.08 -1.25 -21.33
CA ASP D 32 -5.79 -1.81 -20.03
C ASP D 32 -4.40 -2.41 -20.02
N ILE D 33 -3.59 -1.91 -19.12
CA ILE D 33 -2.23 -2.39 -18.92
C ILE D 33 -2.26 -3.29 -17.69
N SER D 34 -1.78 -4.53 -17.83
CA SER D 34 -1.79 -5.46 -16.71
C SER D 34 -0.36 -5.80 -16.26
N TYR D 35 -0.07 -5.49 -15.00
CA TYR D 35 1.26 -5.71 -14.41
C TYR D 35 1.23 -6.82 -13.36
N PRO D 36 1.62 -8.06 -13.72
CA PRO D 36 1.71 -9.12 -12.72
C PRO D 36 3.04 -9.03 -11.98
N LEU D 37 2.98 -8.79 -10.68
CA LEU D 37 4.21 -8.69 -9.87
C LEU D 37 4.23 -9.70 -8.76
N THR D 38 5.41 -10.22 -8.45
CA THR D 38 5.60 -11.07 -7.28
C THR D 38 5.17 -10.31 -6.01
N ALA D 39 5.44 -9.02 -6.03
CA ALA D 39 5.12 -8.12 -4.93
C ALA D 39 5.23 -6.70 -5.44
N LEU D 40 4.37 -5.84 -4.92
CA LEU D 40 4.47 -4.42 -5.20
C LEU D 40 5.28 -3.80 -4.08
N LYS D 41 6.48 -3.34 -4.45
CA LYS D 41 7.37 -2.61 -3.55
C LYS D 41 6.97 -1.15 -3.54
N LEU D 42 6.43 -0.71 -2.40
CA LEU D 42 5.92 0.65 -2.27
C LEU D 42 7.07 1.60 -2.01
N ASP D 43 7.02 2.78 -2.62
CA ASP D 43 8.07 3.79 -2.46
C ASP D 43 9.41 3.27 -3.00
N ASP D 44 9.31 2.50 -4.08
CA ASP D 44 10.47 1.89 -4.74
C ASP D 44 10.12 1.56 -6.19
N VAL D 45 11.15 1.14 -6.92
CA VAL D 45 11.06 0.80 -8.34
C VAL D 45 10.66 -0.66 -8.48
N ASN D 46 9.69 -0.92 -9.36
CA ASN D 46 9.26 -2.30 -9.66
C ASN D 46 9.47 -2.60 -11.13
N ARG D 47 10.36 -3.53 -11.41
CA ARG D 47 10.66 -3.85 -12.79
C ARG D 47 9.75 -4.98 -13.22
N VAL D 48 9.16 -4.82 -14.39
CA VAL D 48 8.22 -5.81 -14.87
C VAL D 48 8.69 -6.28 -16.24
N GLN D 49 8.59 -7.59 -16.46
CA GLN D 49 9.00 -8.15 -17.73
C GLN D 49 7.77 -8.48 -18.57
N GLU D 50 6.74 -9.04 -17.94
CA GLU D 50 5.56 -9.50 -18.66
C GLU D 50 4.35 -8.63 -18.45
N VAL D 51 4.35 -7.50 -19.13
CA VAL D 51 3.22 -6.62 -19.19
C VAL D 51 2.30 -7.10 -20.32
N SER D 52 1.01 -7.11 -20.04
CA SER D 52 0.01 -7.39 -21.06
C SER D 52 -0.85 -6.14 -21.26
N LYS D 53 -1.08 -5.77 -22.51
CA LYS D 53 -1.88 -4.59 -22.83
C LYS D 53 -3.00 -4.96 -23.80
N THR D 54 -4.23 -4.64 -23.42
CA THR D 54 -5.39 -5.10 -24.19
C THR D 54 -6.43 -3.99 -24.45
N ALA D 55 -7.25 -4.19 -25.47
CA ALA D 55 -8.43 -3.36 -25.71
C ALA D 55 -9.46 -3.64 -24.61
N GLY D 56 -9.62 -2.69 -23.70
CA GLY D 56 -10.47 -2.91 -22.56
C GLY D 56 -11.72 -2.05 -22.57
N GLY D 57 -12.54 -2.26 -21.56
CA GLY D 57 -13.83 -1.62 -21.50
C GLY D 57 -14.83 -2.74 -21.37
N LYS D 58 -15.84 -2.54 -20.53
CA LYS D 58 -16.89 -3.51 -20.26
C LYS D 58 -17.57 -4.01 -21.53
N GLY D 59 -17.90 -3.11 -22.43
CA GLY D 59 -18.55 -3.46 -23.70
C GLY D 59 -17.63 -4.26 -24.61
N LEU D 60 -16.31 -4.12 -24.41
CA LEU D 60 -15.37 -4.93 -25.18
C LEU D 60 -15.23 -6.36 -24.62
N ASN D 61 -15.36 -6.52 -23.31
CA ASN D 61 -15.49 -7.87 -22.72
C ASN D 61 -16.79 -8.53 -23.18
N VAL D 62 -17.87 -7.76 -23.24
CA VAL D 62 -19.16 -8.28 -23.75
C VAL D 62 -18.96 -8.78 -25.18
N THR D 63 -18.32 -7.96 -26.01
CA THR D 63 -18.03 -8.27 -27.41
C THR D 63 -17.23 -9.58 -27.53
N ARG D 64 -16.24 -9.77 -26.66
CA ARG D 64 -15.40 -10.97 -26.63
C ARG D 64 -16.15 -12.23 -26.32
N VAL D 65 -16.98 -12.19 -25.27
CA VAL D 65 -17.76 -13.36 -24.91
C VAL D 65 -18.70 -13.70 -26.06
N LEU D 66 -19.27 -12.66 -26.69
CA LEU D 66 -20.19 -12.86 -27.83
C LEU D 66 -19.50 -13.57 -28.99
N ALA D 67 -18.26 -13.22 -29.29
CA ALA D 67 -17.49 -13.89 -30.35
C ALA D 67 -17.23 -15.37 -30.01
N GLN D 68 -16.81 -15.65 -28.77
CA GLN D 68 -16.66 -17.04 -28.29
C GLN D 68 -17.93 -17.86 -28.45
N VAL D 69 -19.08 -17.24 -28.12
CA VAL D 69 -20.40 -17.86 -28.29
C VAL D 69 -20.71 -18.08 -29.78
N GLY D 70 -20.12 -17.23 -30.63
CA GLY D 70 -20.31 -17.33 -32.07
C GLY D 70 -21.44 -16.45 -32.56
N GLU D 71 -21.80 -15.45 -31.75
CA GLU D 71 -22.83 -14.49 -32.15
C GLU D 71 -22.24 -13.41 -33.03
N PRO D 72 -22.94 -13.06 -34.13
CA PRO D 72 -22.50 -11.95 -34.96
C PRO D 72 -22.59 -10.66 -34.16
N VAL D 73 -21.53 -9.87 -34.21
CA VAL D 73 -21.36 -8.75 -33.30
C VAL D 73 -20.53 -7.66 -33.98
N LEU D 74 -20.84 -6.42 -33.65
CA LEU D 74 -20.10 -5.26 -34.09
C LEU D 74 -19.90 -4.38 -32.86
N ALA D 75 -18.68 -3.90 -32.66
CA ALA D 75 -18.37 -3.02 -31.55
C ALA D 75 -18.36 -1.56 -32.02
N SER D 76 -18.95 -0.69 -31.22
CA SER D 76 -18.86 0.74 -31.47
C SER D 76 -18.62 1.53 -30.20
N GLY D 77 -18.55 2.85 -30.35
CA GLY D 77 -18.24 3.77 -29.26
C GLY D 77 -17.31 4.84 -29.76
N PHE D 78 -16.51 5.41 -28.86
CA PHE D 78 -15.53 6.45 -29.21
C PHE D 78 -14.11 5.94 -29.03
N ILE D 79 -13.23 6.26 -29.99
CA ILE D 79 -11.78 6.08 -29.84
C ILE D 79 -11.04 7.32 -30.32
N GLY D 80 -9.90 7.60 -29.70
CA GLY D 80 -9.10 8.75 -30.06
C GLY D 80 -7.63 8.56 -29.77
N GLY D 81 -6.81 9.18 -30.60
CA GLY D 81 -5.38 9.20 -30.39
C GLY D 81 -4.68 7.92 -30.79
N GLU D 82 -3.41 7.83 -30.39
CA GLU D 82 -2.59 6.64 -30.57
C GLU D 82 -3.16 5.42 -29.85
N LEU D 83 -3.77 5.63 -28.68
CA LEU D 83 -4.35 4.55 -27.89
C LEU D 83 -5.65 4.04 -28.50
N GLY D 84 -6.38 4.92 -29.19
CA GLY D 84 -7.54 4.53 -29.99
C GLY D 84 -7.13 3.63 -31.16
N GLN D 85 -5.96 3.91 -31.73
CA GLN D 85 -5.42 3.14 -32.84
C GLN D 85 -4.96 1.75 -32.39
N PHE D 86 -4.49 1.66 -31.13
CA PHE D 86 -4.06 0.42 -30.50
C PHE D 86 -5.25 -0.52 -30.24
N ILE D 87 -6.38 0.06 -29.82
CA ILE D 87 -7.64 -0.69 -29.63
C ILE D 87 -8.14 -1.29 -30.95
N ALA D 88 -8.27 -0.45 -31.97
CA ALA D 88 -8.61 -0.88 -33.33
C ALA D 88 -7.71 -2.03 -33.83
N LYS D 89 -6.40 -1.90 -33.63
CA LYS D 89 -5.43 -2.93 -34.00
C LYS D 89 -5.68 -4.25 -33.23
N LYS D 90 -5.88 -4.14 -31.93
CA LYS D 90 -6.25 -5.28 -31.08
C LYS D 90 -7.53 -5.99 -31.54
N LEU D 91 -8.56 -5.22 -31.87
CA LEU D 91 -9.81 -5.78 -32.37
C LEU D 91 -9.64 -6.42 -33.74
N ASP D 92 -8.85 -5.80 -34.61
CA ASP D 92 -8.53 -6.36 -35.92
C ASP D 92 -7.79 -7.71 -35.84
N HIS D 93 -6.79 -7.80 -34.96
CA HIS D 93 -6.05 -9.06 -34.76
C HIS D 93 -6.96 -10.18 -34.28
N ALA D 94 -7.87 -9.85 -33.36
CA ALA D 94 -8.83 -10.78 -32.80
C ALA D 94 -9.99 -11.05 -33.73
N ASP D 95 -9.98 -10.39 -34.90
CA ASP D 95 -11.05 -10.50 -35.91
CA ASP D 95 -11.04 -10.50 -35.91
C ASP D 95 -12.41 -10.06 -35.34
N ILE D 96 -12.39 -8.99 -34.54
CA ILE D 96 -13.61 -8.39 -34.07
C ILE D 96 -13.91 -7.16 -34.94
N LYS D 97 -15.08 -7.17 -35.57
CA LYS D 97 -15.55 -6.04 -36.38
C LYS D 97 -15.97 -4.86 -35.51
N HIS D 98 -15.63 -3.66 -35.96
CA HIS D 98 -15.92 -2.47 -35.19
C HIS D 98 -16.22 -1.29 -36.09
N ALA D 99 -17.03 -0.37 -35.59
CA ALA D 99 -17.27 0.90 -36.26
C ALA D 99 -17.30 2.00 -35.22
N PHE D 100 -16.13 2.32 -34.65
CA PHE D 100 -16.03 3.41 -33.66
C PHE D 100 -16.09 4.79 -34.29
N TYR D 101 -16.65 5.74 -33.57
CA TYR D 101 -16.58 7.13 -33.96
C TYR D 101 -15.24 7.75 -33.47
N ASN D 102 -14.50 8.39 -34.38
CA ASN D 102 -13.23 9.05 -34.09
C ASN D 102 -13.38 10.38 -33.34
N ILE D 103 -12.73 10.49 -32.19
CA ILE D 103 -12.69 11.74 -31.44
C ILE D 103 -11.29 12.37 -31.46
N LYS D 104 -11.24 13.64 -31.10
CA LYS D 104 -9.98 14.35 -31.01
C LYS D 104 -9.21 14.06 -29.73
N GLY D 105 -9.92 13.68 -28.68
CA GLY D 105 -9.30 13.39 -27.40
C GLY D 105 -8.65 12.02 -27.41
N GLU D 106 -7.71 11.80 -26.50
CA GLU D 106 -7.05 10.51 -26.39
C GLU D 106 -7.81 9.50 -25.53
N THR D 107 -8.04 8.32 -26.09
CA THR D 107 -8.45 7.14 -25.34
C THR D 107 -7.55 6.97 -24.11
N ARG D 108 -8.18 6.61 -23.00
CA ARG D 108 -7.52 6.43 -21.72
C ARG D 108 -6.81 5.07 -21.58
N ASN D 109 -5.88 5.02 -20.62
CA ASN D 109 -5.33 3.79 -20.06
C ASN D 109 -6.08 3.41 -18.79
N CYS D 110 -6.14 2.12 -18.51
CA CYS D 110 -6.43 1.67 -17.14
C CYS D 110 -5.34 0.71 -16.70
N ILE D 111 -4.96 0.80 -15.43
CA ILE D 111 -3.90 -0.02 -14.85
C ILE D 111 -4.49 -1.09 -13.91
N ALA D 112 -4.00 -2.32 -14.04
CA ALA D 112 -4.26 -3.38 -13.07
C ALA D 112 -2.94 -3.98 -12.61
N ILE D 113 -2.66 -3.86 -11.32
CA ILE D 113 -1.47 -4.48 -10.72
C ILE D 113 -1.94 -5.72 -9.95
N LEU D 114 -1.37 -6.87 -10.29
CA LEU D 114 -1.70 -8.14 -9.65
C LEU D 114 -0.53 -8.54 -8.76
N HIS D 115 -0.74 -8.50 -7.45
CA HIS D 115 0.35 -8.70 -6.50
C HIS D 115 -0.15 -9.27 -5.18
N GLU D 116 0.45 -10.37 -4.77
CA GLU D 116 0.15 -10.99 -3.47
C GLU D 116 -1.34 -11.18 -3.20
N GLY D 117 -2.06 -11.63 -4.23
CA GLY D 117 -3.48 -11.91 -4.15
C GLY D 117 -4.34 -10.71 -4.48
N GLN D 118 -3.72 -9.54 -4.56
CA GLN D 118 -4.45 -8.27 -4.69
C GLN D 118 -4.56 -7.81 -6.11
N GLN D 119 -5.67 -7.14 -6.41
CA GLN D 119 -5.84 -6.49 -7.69
C GLN D 119 -5.97 -4.97 -7.51
N THR D 120 -4.88 -4.26 -7.73
CA THR D 120 -4.80 -2.82 -7.50
C THR D 120 -4.93 -2.05 -8.82
N GLU D 121 -6.02 -1.29 -8.91
CA GLU D 121 -6.44 -0.68 -10.15
C GLU D 121 -6.38 0.83 -10.11
N ILE D 122 -5.96 1.40 -11.22
CA ILE D 122 -5.96 2.84 -11.39
C ILE D 122 -6.81 3.10 -12.63
N LEU D 123 -7.92 3.81 -12.43
CA LEU D 123 -8.88 4.10 -13.50
C LEU D 123 -8.83 5.58 -13.89
N GLU D 124 -8.51 5.86 -15.14
CA GLU D 124 -8.50 7.23 -15.66
C GLU D 124 -9.89 7.67 -16.13
N GLN D 125 -10.19 8.95 -15.92
CA GLN D 125 -11.47 9.52 -16.31
C GLN D 125 -11.68 9.42 -17.84
N GLY D 126 -10.64 9.69 -18.61
CA GLY D 126 -10.71 9.61 -20.06
C GLY D 126 -10.91 10.97 -20.72
N PRO D 127 -11.07 10.98 -22.06
CA PRO D 127 -11.14 12.24 -22.79
C PRO D 127 -12.50 12.91 -22.62
N GLU D 128 -12.57 14.18 -22.98
CA GLU D 128 -13.83 14.89 -23.05
C GLU D 128 -14.34 14.79 -24.48
N ILE D 129 -15.62 14.46 -24.61
CA ILE D 129 -16.26 14.47 -25.92
C ILE D 129 -16.93 15.83 -26.12
N ASP D 130 -16.61 16.51 -27.21
CA ASP D 130 -17.20 17.82 -27.49
C ASP D 130 -18.59 17.68 -28.11
N ASN D 131 -19.25 18.82 -28.35
CA ASN D 131 -20.60 18.86 -28.95
C ASN D 131 -20.71 18.20 -30.32
N GLN D 132 -19.73 18.41 -31.18
CA GLN D 132 -19.71 17.90 -32.56
C GLN D 132 -19.56 16.37 -32.60
N GLU D 133 -18.69 15.84 -31.76
CA GLU D 133 -18.43 14.42 -31.64
C GLU D 133 -19.64 13.67 -31.08
N ALA D 134 -20.29 14.28 -30.08
CA ALA D 134 -21.54 13.81 -29.50
C ALA D 134 -22.69 13.67 -30.52
N ALA D 135 -22.88 14.70 -31.33
CA ALA D 135 -23.92 14.72 -32.36
C ALA D 135 -23.52 13.82 -33.54
N GLY D 136 -22.23 13.82 -33.87
CA GLY D 136 -21.69 12.95 -34.89
C GLY D 136 -21.85 11.48 -34.56
N PHE D 137 -21.69 11.12 -33.30
CA PHE D 137 -21.84 9.71 -32.93
C PHE D 137 -23.30 9.27 -33.01
N ILE D 138 -24.20 10.17 -32.62
CA ILE D 138 -25.63 9.89 -32.68
C ILE D 138 -26.05 9.55 -34.10
N LYS D 139 -25.58 10.35 -35.07
CA LYS D 139 -25.87 10.08 -36.47
C LYS D 139 -25.22 8.78 -36.96
N HIS D 140 -23.96 8.56 -36.57
CA HIS D 140 -23.25 7.33 -36.88
C HIS D 140 -24.03 6.14 -36.34
N PHE D 141 -24.37 6.20 -35.06
CA PHE D 141 -25.17 5.18 -34.39
C PHE D 141 -26.52 4.92 -35.09
N GLU D 142 -27.19 5.98 -35.54
CA GLU D 142 -28.45 5.83 -36.26
C GLU D 142 -28.33 4.96 -37.50
N GLN D 143 -27.28 5.17 -38.27
CA GLN D 143 -26.98 4.35 -39.45
C GLN D 143 -26.70 2.90 -39.09
N LEU D 144 -25.94 2.67 -38.02
CA LEU D 144 -25.58 1.30 -37.58
C LEU D 144 -26.79 0.47 -37.21
N LEU D 145 -27.77 1.12 -36.61
CA LEU D 145 -29.03 0.52 -36.21
C LEU D 145 -29.77 -0.18 -37.37
N GLU D 146 -29.52 0.25 -38.61
CA GLU D 146 -30.17 -0.34 -39.79
C GLU D 146 -29.69 -1.78 -40.06
N LYS D 147 -28.57 -2.15 -39.45
CA LYS D 147 -28.03 -3.48 -39.67
C LYS D 147 -27.84 -4.30 -38.39
N VAL D 148 -28.61 -3.99 -37.34
CA VAL D 148 -28.52 -4.72 -36.06
C VAL D 148 -29.90 -5.02 -35.45
N GLU D 149 -29.96 -6.02 -34.58
CA GLU D 149 -31.21 -6.45 -33.99
C GLU D 149 -31.22 -6.35 -32.47
N ALA D 150 -30.06 -6.11 -31.88
CA ALA D 150 -29.91 -5.96 -30.43
C ALA D 150 -28.74 -5.04 -30.11
N VAL D 151 -28.88 -4.29 -29.02
CA VAL D 151 -27.85 -3.36 -28.59
C VAL D 151 -27.53 -3.63 -27.12
N ALA D 152 -26.26 -3.89 -26.81
CA ALA D 152 -25.80 -3.98 -25.42
C ALA D 152 -24.99 -2.75 -25.06
N ILE D 153 -25.46 -2.00 -24.08
CA ILE D 153 -24.79 -0.80 -23.66
C ILE D 153 -24.15 -1.03 -22.29
N SER D 154 -22.84 -0.87 -22.22
CA SER D 154 -22.09 -1.09 -20.99
C SER D 154 -21.27 0.11 -20.58
N GLY D 155 -21.28 0.42 -19.29
CA GLY D 155 -20.32 1.38 -18.75
C GLY D 155 -20.93 2.74 -18.58
N SER D 156 -20.16 3.63 -17.97
CA SER D 156 -20.61 4.99 -17.72
C SER D 156 -20.29 5.88 -18.91
N LEU D 157 -20.81 7.10 -18.86
CA LEU D 157 -20.59 8.07 -19.93
C LEU D 157 -19.23 8.74 -19.78
N PRO D 158 -18.48 8.85 -20.89
CA PRO D 158 -17.26 9.67 -20.84
C PRO D 158 -17.59 11.12 -20.52
N LYS D 159 -16.58 11.81 -19.98
CA LYS D 159 -16.59 13.25 -19.70
C LYS D 159 -17.07 14.10 -20.88
N GLY D 160 -17.86 15.13 -20.58
CA GLY D 160 -18.32 16.08 -21.60
C GLY D 160 -19.65 15.80 -22.28
N LEU D 161 -20.11 14.55 -22.23
CA LEU D 161 -21.42 14.21 -22.81
C LEU D 161 -22.55 14.64 -21.89
N ASN D 162 -23.67 15.05 -22.49
CA ASN D 162 -24.87 15.38 -21.73
C ASN D 162 -25.30 14.17 -20.91
N GLN D 163 -25.89 14.44 -19.74
CA GLN D 163 -26.36 13.39 -18.85
C GLN D 163 -27.45 12.54 -19.51
N ASP D 164 -28.18 13.13 -20.46
CA ASP D 164 -29.25 12.44 -21.19
C ASP D 164 -28.75 11.53 -22.32
N TYR D 165 -27.44 11.42 -22.49
CA TYR D 165 -26.87 10.74 -23.68
C TYR D 165 -27.34 9.30 -23.92
N TYR D 166 -27.37 8.49 -22.87
CA TYR D 166 -27.94 7.15 -22.97
C TYR D 166 -29.43 7.18 -23.34
N ALA D 167 -30.16 8.16 -22.80
CA ALA D 167 -31.58 8.34 -23.10
C ALA D 167 -31.80 8.63 -24.59
N GLN D 168 -31.00 9.53 -25.15
CA GLN D 168 -30.94 9.78 -26.59
C GLN D 168 -30.70 8.49 -27.41
N ILE D 169 -29.70 7.72 -27.02
CA ILE D 169 -29.35 6.49 -27.75
C ILE D 169 -30.46 5.47 -27.71
N ILE D 170 -31.05 5.29 -26.53
CA ILE D 170 -32.15 4.35 -26.31
C ILE D 170 -33.43 4.83 -27.05
N GLU D 171 -33.67 6.15 -27.08
CA GLU D 171 -34.73 6.72 -27.91
C GLU D 171 -34.59 6.23 -29.36
N ARG D 172 -33.37 6.34 -29.90
CA ARG D 172 -33.08 5.91 -31.28
C ARG D 172 -33.36 4.42 -31.47
N CYS D 173 -33.01 3.60 -30.47
CA CYS D 173 -33.30 2.15 -30.54
C CYS D 173 -34.79 1.84 -30.52
N GLN D 174 -35.52 2.49 -29.61
CA GLN D 174 -36.96 2.38 -29.47
C GLN D 174 -37.68 2.80 -30.76
N ASN D 175 -37.15 3.80 -31.46
CA ASN D 175 -37.72 4.23 -32.74
C ASN D 175 -37.66 3.08 -33.76
N LYS D 176 -36.63 2.26 -33.65
CA LYS D 176 -36.37 1.22 -34.65
C LYS D 176 -36.84 -0.16 -34.18
N GLY D 177 -37.40 -0.22 -32.98
CA GLY D 177 -37.77 -1.50 -32.37
C GLY D 177 -36.58 -2.43 -32.11
N VAL D 178 -35.41 -1.85 -31.80
CA VAL D 178 -34.22 -2.65 -31.48
C VAL D 178 -34.03 -2.70 -29.97
N PRO D 179 -34.13 -3.90 -29.36
CA PRO D 179 -34.00 -4.02 -27.90
C PRO D 179 -32.63 -3.61 -27.36
N VAL D 180 -32.63 -3.02 -26.16
CA VAL D 180 -31.43 -2.53 -25.50
C VAL D 180 -31.21 -3.26 -24.20
N ILE D 181 -30.04 -3.89 -24.09
CA ILE D 181 -29.60 -4.54 -22.87
C ILE D 181 -28.66 -3.53 -22.20
N LEU D 182 -29.06 -3.03 -21.04
CA LEU D 182 -28.31 -1.94 -20.41
C LEU D 182 -27.54 -2.35 -19.16
N ASP D 183 -26.23 -2.17 -19.17
CA ASP D 183 -25.41 -2.45 -18.00
C ASP D 183 -24.61 -1.21 -17.58
N CYS D 184 -25.27 -0.32 -16.86
CA CYS D 184 -24.59 0.80 -16.22
C CYS D 184 -25.23 0.91 -14.85
N SER D 185 -24.79 1.87 -14.03
CA SER D 185 -25.19 1.86 -12.63
C SER D 185 -25.27 3.25 -12.02
N GLY D 186 -25.77 3.32 -10.78
CA GLY D 186 -25.86 4.56 -10.03
C GLY D 186 -26.67 5.65 -10.70
N ALA D 187 -26.09 6.85 -10.73
CA ALA D 187 -26.73 8.04 -11.30
C ALA D 187 -26.92 7.94 -12.83
N THR D 188 -26.05 7.16 -13.46
CA THR D 188 -26.10 6.89 -14.89
C THR D 188 -27.35 6.07 -15.25
N LEU D 189 -27.59 4.98 -14.52
CA LEU D 189 -28.79 4.17 -14.69
C LEU D 189 -30.05 4.93 -14.27
N GLN D 190 -29.98 5.61 -13.12
CA GLN D 190 -31.08 6.43 -12.60
C GLN D 190 -31.69 7.34 -13.67
N THR D 191 -30.82 8.07 -14.37
CA THR D 191 -31.21 9.01 -15.44
C THR D 191 -31.99 8.32 -16.55
N VAL D 192 -31.53 7.14 -16.95
CA VAL D 192 -32.28 6.31 -17.88
C VAL D 192 -33.61 5.84 -17.29
N LEU D 193 -33.58 5.37 -16.04
CA LEU D 193 -34.79 4.95 -15.32
C LEU D 193 -35.85 6.05 -15.21
N GLU D 194 -35.40 7.30 -15.12
CA GLU D 194 -36.32 8.46 -15.00
C GLU D 194 -36.94 8.86 -16.36
N ASN D 195 -36.29 8.48 -17.46
CA ASN D 195 -36.63 8.87 -18.83
C ASN D 195 -37.69 7.97 -19.51
N PRO D 196 -38.43 8.50 -20.50
CA PRO D 196 -39.48 7.65 -21.08
C PRO D 196 -39.07 6.52 -22.04
N TYR D 197 -37.87 6.59 -22.61
CA TYR D 197 -37.41 5.54 -23.54
C TYR D 197 -36.62 4.47 -22.79
N LYS D 198 -37.23 3.30 -22.69
CA LYS D 198 -36.79 2.28 -21.74
C LYS D 198 -35.86 1.25 -22.36
N PRO D 199 -34.88 0.78 -21.57
CA PRO D 199 -34.09 -0.37 -21.98
C PRO D 199 -35.01 -1.59 -21.94
N THR D 200 -34.59 -2.69 -22.56
CA THR D 200 -35.39 -3.91 -22.54
C THR D 200 -34.97 -4.76 -21.35
N VAL D 201 -33.69 -4.66 -21.00
CA VAL D 201 -33.13 -5.42 -19.91
C VAL D 201 -32.26 -4.49 -19.08
N ILE D 202 -32.49 -4.49 -17.77
CA ILE D 202 -31.49 -3.98 -16.83
C ILE D 202 -31.11 -5.12 -15.89
N LYS D 203 -29.95 -5.02 -15.28
CA LYS D 203 -29.45 -6.08 -14.41
C LYS D 203 -28.72 -5.57 -13.17
N PRO D 204 -29.41 -4.76 -12.32
CA PRO D 204 -28.76 -4.38 -11.06
C PRO D 204 -28.69 -5.61 -10.14
N ASN D 205 -27.59 -5.76 -9.40
CA ASN D 205 -27.52 -6.80 -8.36
C ASN D 205 -28.39 -6.37 -7.18
N ILE D 206 -28.71 -7.32 -6.28
CA ILE D 206 -29.57 -7.04 -5.11
C ILE D 206 -29.15 -5.78 -4.32
N SER D 207 -27.86 -5.62 -4.07
CA SER D 207 -27.37 -4.43 -3.39
C SER D 207 -27.71 -3.14 -4.15
N GLU D 208 -27.41 -3.12 -5.45
CA GLU D 208 -27.70 -1.96 -6.31
C GLU D 208 -29.18 -1.67 -6.42
N LEU D 209 -29.98 -2.73 -6.59
CA LEU D 209 -31.42 -2.61 -6.73
C LEU D 209 -32.00 -1.77 -5.60
N TYR D 210 -31.66 -2.17 -4.37
CA TYR D 210 -32.14 -1.51 -3.16
C TYR D 210 -31.51 -0.12 -2.92
N GLN D 211 -30.27 0.06 -3.37
CA GLN D 211 -29.63 1.38 -3.34
C GLN D 211 -30.28 2.37 -4.33
N LEU D 212 -30.69 1.87 -5.49
CA LEU D 212 -31.43 2.67 -6.46
C LEU D 212 -32.75 3.20 -5.89
N LEU D 213 -33.34 2.41 -5.00
CA LEU D 213 -34.62 2.71 -4.38
C LEU D 213 -34.51 3.46 -3.04
N ASN D 214 -33.28 3.66 -2.57
CA ASN D 214 -32.95 4.25 -1.25
C ASN D 214 -33.65 3.52 -0.09
N GLN D 215 -33.72 2.20 -0.22
CA GLN D 215 -34.32 1.32 0.77
C GLN D 215 -33.24 0.37 1.29
N PRO D 216 -33.44 -0.20 2.49
CA PRO D 216 -32.50 -1.22 2.95
C PRO D 216 -32.55 -2.46 2.07
N LEU D 217 -31.44 -3.19 2.03
CA LEU D 217 -31.40 -4.48 1.36
C LEU D 217 -32.31 -5.46 2.11
N ASP D 218 -33.16 -6.15 1.37
CA ASP D 218 -34.10 -7.12 1.94
C ASP D 218 -34.12 -8.31 0.99
N GLU D 219 -33.56 -9.43 1.43
CA GLU D 219 -33.38 -10.60 0.56
C GLU D 219 -34.60 -11.51 0.46
N SER D 220 -35.66 -11.21 1.22
CA SER D 220 -36.88 -12.01 1.20
C SER D 220 -37.55 -11.87 -0.15
N LEU D 221 -38.31 -12.90 -0.54
CA LEU D 221 -38.93 -12.93 -1.87
C LEU D 221 -39.98 -11.85 -2.07
N GLU D 222 -40.82 -11.65 -1.04
CA GLU D 222 -41.91 -10.69 -1.10
C GLU D 222 -41.38 -9.28 -1.34
N SER D 223 -40.32 -8.92 -0.63
CA SER D 223 -39.70 -7.61 -0.76
C SER D 223 -39.06 -7.40 -2.14
N LEU D 224 -38.42 -8.45 -2.67
CA LEU D 224 -37.79 -8.44 -4.00
C LEU D 224 -38.81 -8.24 -5.11
N LYS D 225 -39.93 -8.96 -5.03
CA LYS D 225 -41.02 -8.76 -5.98
C LYS D 225 -41.48 -7.30 -5.97
N GLN D 226 -41.74 -6.78 -4.77
CA GLN D 226 -42.14 -5.39 -4.55
C GLN D 226 -41.14 -4.38 -5.08
N ALA D 227 -39.85 -4.68 -4.92
CA ALA D 227 -38.79 -3.74 -5.24
C ALA D 227 -38.67 -3.54 -6.75
N VAL D 228 -38.66 -4.62 -7.51
CA VAL D 228 -38.56 -4.53 -8.98
C VAL D 228 -39.85 -4.05 -9.65
N SER D 229 -40.92 -3.94 -8.85
CA SER D 229 -42.25 -3.54 -9.30
C SER D 229 -42.59 -2.09 -8.92
N GLN D 230 -41.64 -1.40 -8.31
CA GLN D 230 -41.83 0.03 -7.96
C GLN D 230 -41.81 0.84 -9.26
N PRO D 231 -42.46 2.03 -9.26
CA PRO D 231 -42.49 2.94 -10.42
C PRO D 231 -41.15 3.22 -11.11
N LEU D 232 -40.06 3.30 -10.35
CA LEU D 232 -38.74 3.55 -10.93
C LEU D 232 -38.41 2.61 -12.08
N PHE D 233 -38.81 1.35 -11.93
CA PHE D 233 -38.48 0.34 -12.95
C PHE D 233 -39.61 0.09 -13.95
N GLU D 234 -40.53 1.06 -14.09
CA GLU D 234 -41.67 0.97 -15.01
C GLU D 234 -41.23 0.78 -16.47
N GLY D 235 -41.90 -0.13 -17.17
CA GLY D 235 -41.72 -0.26 -18.62
C GLY D 235 -40.48 -1.00 -19.03
N ILE D 236 -39.82 -1.67 -18.09
CA ILE D 236 -38.68 -2.51 -18.42
C ILE D 236 -39.11 -3.97 -18.44
N GLU D 237 -38.99 -4.56 -19.64
CA GLU D 237 -39.42 -5.92 -19.93
C GLU D 237 -38.76 -6.97 -19.02
N TRP D 238 -37.43 -6.90 -18.89
CA TRP D 238 -36.65 -7.86 -18.11
C TRP D 238 -35.84 -7.11 -17.06
N ILE D 239 -35.97 -7.53 -15.81
CA ILE D 239 -35.09 -7.05 -14.74
C ILE D 239 -34.42 -8.28 -14.14
N ILE D 240 -33.11 -8.40 -14.34
CA ILE D 240 -32.42 -9.61 -13.89
C ILE D 240 -31.48 -9.31 -12.73
N VAL D 241 -31.79 -9.82 -11.55
CA VAL D 241 -31.09 -9.42 -10.35
C VAL D 241 -30.24 -10.54 -9.77
N SER D 242 -28.92 -10.36 -9.81
CA SER D 242 -28.03 -11.33 -9.19
C SER D 242 -28.18 -11.33 -7.69
N LEU D 243 -28.35 -12.53 -7.14
CA LEU D 243 -28.33 -12.73 -5.69
C LEU D 243 -27.01 -13.37 -5.25
N GLY D 244 -26.00 -13.31 -6.11
CA GLY D 244 -24.66 -13.79 -5.78
C GLY D 244 -24.45 -15.26 -6.10
N ALA D 245 -24.06 -16.03 -5.08
CA ALA D 245 -23.81 -17.46 -5.22
C ALA D 245 -25.11 -18.28 -5.25
N GLN D 246 -26.17 -17.74 -4.65
CA GLN D 246 -27.48 -18.41 -4.68
C GLN D 246 -28.23 -18.24 -6.00
N GLY D 247 -27.59 -17.59 -6.97
CA GLY D 247 -28.14 -17.45 -8.31
C GLY D 247 -28.70 -16.08 -8.55
N ALA D 248 -29.93 -16.03 -9.06
CA ALA D 248 -30.59 -14.76 -9.38
C ALA D 248 -32.09 -14.78 -9.15
N PHE D 249 -32.67 -13.59 -9.24
CA PHE D 249 -34.11 -13.36 -9.14
C PHE D 249 -34.44 -12.44 -10.32
N ALA D 250 -35.50 -12.78 -11.06
CA ALA D 250 -35.85 -12.00 -12.26
C ALA D 250 -37.34 -11.69 -12.37
N LYS D 251 -37.63 -10.59 -13.04
CA LYS D 251 -38.99 -10.29 -13.46
C LYS D 251 -39.01 -10.18 -14.97
N HIS D 252 -39.87 -10.95 -15.63
CA HIS D 252 -40.15 -10.72 -17.05
C HIS D 252 -41.60 -10.34 -17.19
N ASN D 253 -41.81 -9.09 -17.59
CA ASN D 253 -43.14 -8.46 -17.58
C ASN D 253 -43.78 -8.57 -16.18
N HIS D 254 -44.68 -9.54 -15.99
CA HIS D 254 -45.36 -9.71 -14.71
C HIS D 254 -45.00 -11.02 -14.00
N THR D 255 -44.13 -11.80 -14.64
CA THR D 255 -43.73 -13.12 -14.18
C THR D 255 -42.42 -13.02 -13.38
N PHE D 256 -42.34 -13.75 -12.27
CA PHE D 256 -41.14 -13.74 -11.43
C PHE D 256 -40.45 -15.10 -11.47
N TYR D 257 -39.13 -15.09 -11.66
CA TYR D 257 -38.31 -16.30 -11.64
C TYR D 257 -37.22 -16.23 -10.58
N ARG D 258 -37.10 -17.30 -9.80
CA ARG D 258 -35.92 -17.56 -8.97
C ARG D 258 -35.00 -18.50 -9.76
N VAL D 259 -33.75 -18.08 -9.94
CA VAL D 259 -32.77 -18.87 -10.68
C VAL D 259 -31.82 -19.53 -9.69
N ASN D 260 -32.00 -20.83 -9.53
CA ASN D 260 -31.16 -21.61 -8.63
C ASN D 260 -30.04 -22.21 -9.44
N ILE D 261 -28.81 -22.04 -8.95
CA ILE D 261 -27.63 -22.46 -9.69
C ILE D 261 -26.81 -23.40 -8.82
N PRO D 262 -25.96 -24.24 -9.46
CA PRO D 262 -25.01 -25.05 -8.67
C PRO D 262 -24.13 -24.21 -7.74
N THR D 263 -23.66 -24.82 -6.66
CA THR D 263 -22.90 -24.10 -5.63
C THR D 263 -21.44 -23.92 -6.06
N PRO D 269 -13.97 -13.61 -9.57
CA PRO D 269 -15.35 -13.13 -9.54
C PRO D 269 -15.55 -11.82 -10.33
N VAL D 270 -14.46 -11.08 -10.54
CA VAL D 270 -14.47 -9.79 -11.20
C VAL D 270 -14.59 -9.95 -12.72
N GLY D 271 -15.70 -9.48 -13.28
CA GLY D 271 -15.93 -9.50 -14.73
C GLY D 271 -17.12 -10.32 -15.18
N SER D 272 -17.77 -10.99 -14.22
CA SER D 272 -18.90 -11.89 -14.51
C SER D 272 -20.08 -11.18 -15.13
N GLY D 273 -20.24 -9.90 -14.78
CA GLY D 273 -21.32 -9.07 -15.29
C GLY D 273 -21.29 -8.95 -16.80
N ASP D 274 -20.09 -8.80 -17.37
CA ASP D 274 -19.91 -8.65 -18.81
C ASP D 274 -20.33 -9.91 -19.56
N SER D 275 -19.90 -11.08 -19.04
CA SER D 275 -20.29 -12.39 -19.57
C SER D 275 -21.81 -12.64 -19.48
N THR D 276 -22.39 -12.25 -18.36
CA THR D 276 -23.85 -12.27 -18.18
C THR D 276 -24.60 -11.44 -19.23
N VAL D 277 -24.18 -10.19 -19.41
CA VAL D 277 -24.68 -9.32 -20.49
C VAL D 277 -24.59 -9.99 -21.87
N ALA D 278 -23.43 -10.55 -22.18
CA ALA D 278 -23.24 -11.32 -23.42
C ALA D 278 -24.27 -12.44 -23.55
N GLY D 279 -24.49 -13.17 -22.44
CA GLY D 279 -25.50 -14.23 -22.36
C GLY D 279 -26.91 -13.71 -22.63
N ILE D 280 -27.32 -12.66 -21.90
CA ILE D 280 -28.63 -12.04 -22.09
C ILE D 280 -28.83 -11.55 -23.51
N THR D 281 -27.83 -10.86 -24.05
CA THR D 281 -27.96 -10.28 -25.39
C THR D 281 -28.03 -11.33 -26.51
N SER D 282 -27.27 -12.41 -26.32
CA SER D 282 -27.28 -13.55 -27.21
C SER D 282 -28.67 -14.20 -27.22
N ALA D 283 -29.20 -14.44 -26.01
CA ALA D 283 -30.56 -14.93 -25.78
C ALA D 283 -31.60 -14.04 -26.46
N ILE D 284 -31.55 -12.74 -26.18
CA ILE D 284 -32.43 -11.77 -26.82
C ILE D 284 -32.34 -11.83 -28.35
N LEU D 285 -31.11 -11.91 -28.89
CA LEU D 285 -30.94 -11.98 -30.37
C LEU D 285 -31.64 -13.22 -30.96
N ASN D 286 -31.59 -14.32 -30.23
CA ASN D 286 -32.08 -15.60 -30.74
C ASN D 286 -33.51 -15.96 -30.34
N HIS D 287 -34.18 -15.03 -29.68
CA HIS D 287 -35.56 -15.18 -29.18
C HIS D 287 -35.74 -16.42 -28.30
N GLU D 288 -34.71 -16.74 -27.52
CA GLU D 288 -34.77 -17.84 -26.57
C GLU D 288 -35.90 -17.62 -25.56
N ASN D 289 -36.52 -18.72 -25.14
CA ASN D 289 -37.54 -18.64 -24.09
C ASN D 289 -36.91 -18.28 -22.74
N ASP D 290 -37.77 -18.01 -21.74
CA ASP D 290 -37.36 -17.42 -20.46
C ASP D 290 -36.32 -18.24 -19.68
N HIS D 291 -36.56 -19.55 -19.57
CA HIS D 291 -35.62 -20.46 -18.92
C HIS D 291 -34.28 -20.46 -19.63
N ASP D 292 -34.31 -20.67 -20.94
CA ASP D 292 -33.10 -20.67 -21.75
C ASP D 292 -32.29 -19.36 -21.62
N LEU D 293 -32.97 -18.22 -21.70
CA LEU D 293 -32.32 -16.91 -21.47
C LEU D 293 -31.61 -16.83 -20.12
N LEU D 294 -32.32 -17.19 -19.05
CA LEU D 294 -31.79 -17.04 -17.69
C LEU D 294 -30.68 -18.01 -17.39
N LYS D 295 -30.85 -19.23 -17.88
CA LYS D 295 -29.79 -20.23 -17.76
C LYS D 295 -28.52 -19.80 -18.50
N LYS D 296 -28.67 -19.26 -19.71
CA LYS D 296 -27.51 -18.81 -20.49
C LYS D 296 -26.78 -17.64 -19.84
N ALA D 297 -27.55 -16.65 -19.39
CA ALA D 297 -27.05 -15.53 -18.60
C ALA D 297 -26.19 -16.00 -17.43
N ASN D 298 -26.77 -16.87 -16.60
CA ASN D 298 -26.15 -17.36 -15.39
C ASN D 298 -25.01 -18.34 -15.60
N THR D 299 -25.07 -19.12 -16.68
CA THR D 299 -24.01 -20.09 -16.96
C THR D 299 -22.73 -19.35 -17.35
N LEU D 300 -22.87 -18.43 -18.31
CA LEU D 300 -21.76 -17.57 -18.71
C LEU D 300 -21.23 -16.74 -17.54
N GLY D 301 -22.13 -16.22 -16.70
CA GLY D 301 -21.74 -15.54 -15.46
C GLY D 301 -20.88 -16.41 -14.55
N LEU D 303 -19.27 -19.19 -15.63
CA LEU D 303 -18.09 -19.63 -16.39
C LEU D 303 -16.95 -18.63 -16.27
N ASN D 304 -17.27 -17.34 -16.30
CA ASN D 304 -16.28 -16.29 -16.12
C ASN D 304 -15.76 -16.22 -14.68
N ALA D 305 -16.66 -16.44 -13.72
CA ALA D 305 -16.32 -16.48 -12.29
C ALA D 305 -15.35 -17.63 -11.97
N GLN D 306 -15.30 -18.63 -12.83
CA GLN D 306 -14.32 -19.71 -12.73
C GLN D 306 -12.97 -19.33 -13.37
N GLU D 307 -12.90 -18.12 -13.93
CA GLU D 307 -11.72 -17.64 -14.65
C GLU D 307 -11.12 -16.40 -13.98
N ALA D 308 -9.80 -16.26 -14.11
CA ALA D 308 -9.09 -15.07 -13.66
C ALA D 308 -8.75 -14.17 -14.85
N TYR D 312 -13.68 -13.54 -20.75
CA TYR D 312 -13.38 -14.92 -21.17
C TYR D 312 -14.21 -15.97 -20.43
N VAL D 313 -14.66 -16.97 -21.18
CA VAL D 313 -15.39 -18.11 -20.62
C VAL D 313 -14.77 -19.41 -21.15
N ASN D 314 -14.87 -20.49 -20.37
CA ASN D 314 -14.54 -21.82 -20.87
C ASN D 314 -15.81 -22.55 -21.27
N LEU D 315 -16.05 -22.65 -22.57
CA LEU D 315 -17.31 -23.19 -23.06
C LEU D 315 -17.36 -24.71 -23.13
N ASN D 316 -16.25 -25.36 -22.74
CA ASN D 316 -16.20 -26.81 -22.55
C ASN D 316 -16.92 -27.24 -21.27
N ASN D 317 -17.15 -26.27 -20.39
CA ASN D 317 -17.88 -26.50 -19.14
C ASN D 317 -19.27 -25.88 -19.18
N TYR D 318 -19.73 -25.50 -20.37
CA TYR D 318 -21.03 -24.84 -20.52
C TYR D 318 -22.19 -25.79 -20.22
N ASP D 319 -22.23 -26.93 -20.91
CA ASP D 319 -23.33 -27.90 -20.77
C ASP D 319 -23.47 -28.42 -19.35
N ASP D 320 -22.35 -28.79 -18.73
CA ASP D 320 -22.35 -29.34 -17.37
C ASP D 320 -22.92 -28.36 -16.34
N LEU D 321 -22.76 -27.07 -16.59
CA LEU D 321 -23.32 -26.05 -15.71
C LEU D 321 -24.76 -25.72 -16.08
N PHE D 322 -25.02 -25.55 -17.38
CA PHE D 322 -26.35 -25.23 -17.90
C PHE D 322 -27.38 -26.28 -17.48
N ASN D 323 -27.03 -27.55 -17.67
CA ASN D 323 -27.89 -28.68 -17.29
C ASN D 323 -28.10 -28.87 -15.78
N GLN D 324 -27.40 -28.08 -14.98
CA GLN D 324 -27.59 -28.09 -13.53
C GLN D 324 -28.51 -26.98 -13.05
N ILE D 325 -28.52 -25.84 -13.74
CA ILE D 325 -29.33 -24.67 -13.35
C ILE D 325 -30.82 -24.98 -13.31
N GLU D 326 -31.47 -24.59 -12.23
CA GLU D 326 -32.92 -24.66 -12.12
C GLU D 326 -33.51 -23.24 -12.22
N VAL D 327 -34.65 -23.12 -12.91
CA VAL D 327 -35.39 -21.86 -12.99
C VAL D 327 -36.86 -22.12 -12.68
N LEU D 328 -37.40 -21.41 -11.70
CA LEU D 328 -38.79 -21.56 -11.28
C LEU D 328 -39.53 -20.24 -11.31
N GLU D 329 -40.78 -20.27 -11.76
CA GLU D 329 -41.69 -19.15 -11.56
C GLU D 329 -42.10 -19.11 -10.09
N VAL D 330 -41.80 -17.98 -9.43
CA VAL D 330 -42.09 -17.83 -7.99
C VAL D 330 -43.22 -16.84 -7.69
#